data_4FIO
#
_entry.id   4FIO
#
_cell.length_a   52.370
_cell.length_b   74.855
_cell.length_c   74.816
_cell.angle_alpha   120.06
_cell.angle_beta   100.01
_cell.angle_gamma   98.28
#
_symmetry.space_group_name_H-M   'P 1'
#
loop_
_entity.id
_entity.type
_entity.pdbx_description
1 polymer 'Methenyltetrahydromethanopterin cyclohydrolase'
2 non-polymer 'ETHYL ACETATE'
3 non-polymer 'ISOPROPYL ALCOHOL'
4 water water
#
_entity_poly.entity_id   1
_entity_poly.type   'polypeptide(L)'
_entity_poly.pdbx_seq_one_letter_code
;MHHHHHHGKPIPNPLLGLDSTENLYFQGIDPFTMVSVNLEAKKTVDVMIEKADDLNIAVSKLENGATVIDCGVNVAGSFK
AGELYTKVCLGGLADVGISIPGDLSEKFALPSVKIKTDFPAISTLGAQKAGWSVSVGDFFALGSGPARALSLKPAETYEE
IDYKDEADLAILTLEADVLPGEDVAQYIADECGVDVANVFLLVAPTASLVGSIQIAGRVVENGTYKMLEFLKFDVKKVVH
AAGIAPIAPIDPDGLKAMGKTNDAVLFGGRTYYYVKSEEGDDIAAVAAQLPSSAADGYGKPFFDVFKDAGFDFYQIDKGM
FAPAEVVINDLTTGKLYKEGFVNAELLKKSFGIE
;
_entity_poly.pdbx_strand_id   A,B,C
#
# COMPACT_ATOMS: atom_id res chain seq x y z
N MET A 34 5.70 21.09 21.53
CA MET A 34 4.35 20.68 21.14
C MET A 34 4.15 20.79 19.64
N VAL A 35 4.10 19.65 18.96
CA VAL A 35 3.91 19.62 17.53
C VAL A 35 2.89 20.66 17.03
N SER A 36 3.18 21.26 15.89
CA SER A 36 2.25 22.25 15.29
C SER A 36 1.54 21.71 14.08
N VAL A 37 0.22 21.51 14.14
CA VAL A 37 -0.50 20.99 13.00
C VAL A 37 -0.48 21.90 11.78
N ASN A 38 -0.43 23.25 12.01
CA ASN A 38 -0.28 24.12 10.86
C ASN A 38 1.09 24.02 10.20
N LEU A 39 2.15 24.04 11.02
CA LEU A 39 3.46 23.96 10.39
C LEU A 39 3.71 22.58 9.73
N GLU A 40 3.18 21.54 10.36
CA GLU A 40 3.39 20.22 9.75
C GLU A 40 2.56 20.08 8.48
N ALA A 41 1.30 20.51 8.50
CA ALA A 41 0.46 20.41 7.30
C ALA A 41 1.03 21.26 6.18
N LYS A 42 1.76 22.34 6.53
CA LYS A 42 2.29 23.24 5.48
C LYS A 42 3.30 22.46 4.64
N LYS A 43 3.95 21.41 5.14
CA LYS A 43 4.90 20.66 4.33
C LYS A 43 4.11 20.00 3.17
N THR A 44 2.90 19.55 3.47
CA THR A 44 2.14 18.93 2.41
C THR A 44 1.47 19.95 1.45
N VAL A 45 1.05 21.07 2.04
CA VAL A 45 0.52 22.14 1.17
C VAL A 45 1.59 22.54 0.16
N ASP A 46 2.84 22.61 0.57
CA ASP A 46 3.88 23.01 -0.40
C ASP A 46 4.05 22.04 -1.51
N VAL A 47 3.87 20.74 -1.22
CA VAL A 47 3.98 19.78 -2.35
C VAL A 47 2.74 19.98 -3.27
N MET A 48 1.53 20.17 -2.71
CA MET A 48 0.34 20.32 -3.52
C MET A 48 0.54 21.54 -4.44
N ILE A 49 1.10 22.64 -3.93
CA ILE A 49 1.32 23.84 -4.74
C ILE A 49 2.36 23.56 -5.85
N GLU A 50 3.50 22.91 -5.52
CA GLU A 50 4.54 22.74 -6.47
C GLU A 50 4.07 21.80 -7.57
N LYS A 51 3.32 20.80 -7.18
CA LYS A 51 2.84 19.78 -8.10
C LYS A 51 1.40 19.94 -8.63
N ALA A 52 0.90 21.17 -8.50
CA ALA A 52 -0.53 21.40 -8.83
C ALA A 52 -0.93 20.93 -10.23
N ASP A 53 -0.12 21.15 -11.24
CA ASP A 53 -0.49 20.69 -12.57
C ASP A 53 -0.50 19.18 -12.67
N ASP A 54 0.46 18.51 -12.01
CA ASP A 54 0.55 17.05 -11.97
C ASP A 54 -0.67 16.43 -11.27
N LEU A 55 -1.29 17.20 -10.38
CA LEU A 55 -2.33 16.75 -9.48
C LEU A 55 -3.73 17.13 -10.00
N ASN A 56 -3.79 17.88 -11.13
CA ASN A 56 -5.04 18.41 -11.64
CA ASN A 56 -5.02 18.41 -11.62
C ASN A 56 -5.78 19.26 -10.59
N ILE A 57 -5.04 20.14 -9.92
CA ILE A 57 -5.64 21.12 -9.03
C ILE A 57 -5.14 22.53 -9.47
N ALA A 58 -5.75 23.55 -8.94
CA ALA A 58 -5.46 24.96 -9.34
C ALA A 58 -5.21 25.85 -8.16
N VAL A 59 -4.06 26.51 -8.15
CA VAL A 59 -3.70 27.39 -7.06
C VAL A 59 -3.91 28.79 -7.52
N SER A 60 -4.65 29.56 -6.70
CA SER A 60 -4.75 30.99 -6.94
C SER A 60 -4.38 31.85 -5.78
N LYS A 61 -3.93 33.08 -6.08
CA LYS A 61 -3.63 34.04 -5.06
C LYS A 61 -4.70 35.07 -5.01
N LEU A 62 -5.31 35.28 -3.85
CA LEU A 62 -6.27 36.36 -3.68
C LEU A 62 -5.61 37.70 -3.57
N GLU A 63 -6.37 38.76 -3.76
CA GLU A 63 -5.79 40.12 -3.74
C GLU A 63 -5.30 40.43 -2.33
N ASN A 64 -5.76 39.82 -1.27
CA ASN A 64 -5.23 40.07 0.06
C ASN A 64 -4.03 39.14 0.45
N GLY A 65 -3.58 38.29 -0.48
CA GLY A 65 -2.43 37.48 -0.31
C GLY A 65 -2.75 36.06 0.17
N ALA A 66 -4.01 35.74 0.50
CA ALA A 66 -4.34 34.34 0.88
C ALA A 66 -4.20 33.48 -0.37
N THR A 67 -4.02 32.15 -0.18
CA THR A 67 -3.90 31.23 -1.25
C THR A 67 -5.12 30.30 -1.21
N VAL A 68 -5.67 30.07 -2.39
CA VAL A 68 -6.83 29.11 -2.53
C VAL A 68 -6.30 28.00 -3.45
N ILE A 69 -6.53 26.75 -2.98
CA ILE A 69 -6.13 25.54 -3.75
C ILE A 69 -7.44 24.82 -4.08
N ASP A 70 -7.87 24.98 -5.38
CA ASP A 70 -9.09 24.34 -5.88
C ASP A 70 -8.73 22.88 -6.18
N CYS A 71 -9.37 21.97 -5.41
CA CYS A 71 -9.12 20.54 -5.61
C CYS A 71 -10.35 19.84 -6.16
N GLY A 72 -11.39 20.60 -6.63
CA GLY A 72 -12.53 19.99 -7.27
C GLY A 72 -13.69 20.82 -7.79
N VAL A 73 -13.60 22.12 -7.61
CA VAL A 73 -14.73 22.98 -8.09
C VAL A 73 -14.70 23.16 -9.61
N ASN A 74 -13.59 23.69 -10.11
CA ASN A 74 -13.43 23.85 -11.58
C ASN A 74 -12.44 22.93 -12.22
N VAL A 75 -11.94 21.99 -11.42
CA VAL A 75 -10.80 21.15 -11.87
C VAL A 75 -11.22 19.72 -11.44
N ALA A 76 -10.55 18.72 -12.00
CA ALA A 76 -10.90 17.34 -11.74
C ALA A 76 -10.36 16.82 -10.41
N GLY A 77 -9.25 17.37 -9.97
CA GLY A 77 -8.50 16.77 -8.88
C GLY A 77 -8.00 15.41 -9.34
N SER A 78 -7.59 14.58 -8.37
CA SER A 78 -6.87 13.34 -8.71
C SER A 78 -6.84 12.51 -7.42
N PHE A 79 -6.47 11.23 -7.59
CA PHE A 79 -6.28 10.37 -6.39
C PHE A 79 -5.25 10.99 -5.49
N LYS A 80 -4.09 11.41 -5.99
CA LYS A 80 -3.06 11.90 -5.09
CA LYS A 80 -3.06 11.92 -5.12
C LYS A 80 -3.47 13.23 -4.49
N ALA A 81 -4.20 14.10 -5.25
CA ALA A 81 -4.67 15.39 -4.63
C ALA A 81 -5.52 15.01 -3.40
N GLY A 82 -6.43 14.01 -3.59
CA GLY A 82 -7.34 13.66 -2.48
C GLY A 82 -6.55 13.11 -1.29
N GLU A 83 -5.53 12.27 -1.56
CA GLU A 83 -4.67 11.80 -0.49
C GLU A 83 -4.03 12.93 0.26
N LEU A 84 -3.45 13.88 -0.43
CA LEU A 84 -2.74 14.96 0.18
C LEU A 84 -3.69 15.96 0.93
N TYR A 85 -4.85 16.22 0.32
CA TYR A 85 -5.93 17.02 0.97
C TYR A 85 -6.23 16.42 2.35
N THR A 86 -6.43 15.10 2.30
CA THR A 86 -6.79 14.39 3.57
C THR A 86 -5.65 14.48 4.57
N LYS A 87 -4.42 14.29 4.11
CA LYS A 87 -3.23 14.44 5.04
C LYS A 87 -3.22 15.85 5.67
N VAL A 88 -3.52 16.89 4.88
CA VAL A 88 -3.64 18.25 5.39
C VAL A 88 -4.74 18.39 6.40
N CYS A 89 -5.93 17.76 6.12
CA CYS A 89 -6.99 17.85 7.12
C CYS A 89 -6.53 17.27 8.46
N LEU A 90 -5.69 16.18 8.41
CA LEU A 90 -5.13 15.56 9.66
C LEU A 90 -3.91 16.28 10.16
N GLY A 91 -3.64 17.48 9.76
CA GLY A 91 -2.55 18.19 10.32
C GLY A 91 -1.18 17.72 10.01
N GLY A 92 -1.07 16.90 8.93
CA GLY A 92 0.22 16.26 8.67
C GLY A 92 0.60 15.16 9.66
N LEU A 93 -0.29 14.84 10.64
CA LEU A 93 0.07 13.95 11.78
C LEU A 93 -0.60 12.61 11.54
N ALA A 94 -0.71 12.20 10.26
CA ALA A 94 -1.20 10.87 9.91
C ALA A 94 -0.63 10.54 8.54
N ASP A 95 -0.56 9.27 8.23
CA ASP A 95 -0.26 8.83 6.89
C ASP A 95 -1.56 8.46 6.21
N VAL A 96 -1.66 8.77 4.94
CA VAL A 96 -2.86 8.54 4.17
C VAL A 96 -2.46 7.85 2.83
N GLY A 97 -3.18 6.74 2.51
CA GLY A 97 -2.93 6.05 1.27
C GLY A 97 -4.24 5.72 0.59
N ILE A 98 -4.12 5.55 -0.73
CA ILE A 98 -5.26 5.04 -1.44
CA ILE A 98 -5.24 5.15 -1.54
C ILE A 98 -4.91 3.69 -1.97
N SER A 99 -5.70 2.69 -1.47
CA SER A 99 -5.41 1.34 -1.85
CA SER A 99 -5.51 1.31 -1.71
C SER A 99 -6.45 0.88 -2.86
N ILE A 100 -6.00 0.03 -3.74
CA ILE A 100 -6.88 -0.62 -4.69
C ILE A 100 -6.91 -2.06 -4.22
N PRO A 101 -8.00 -2.52 -3.68
CA PRO A 101 -7.96 -3.83 -3.00
C PRO A 101 -7.66 -5.11 -3.81
N GLY A 102 -6.82 -5.96 -3.23
CA GLY A 102 -6.55 -7.27 -3.79
C GLY A 102 -7.48 -8.31 -3.17
N ASP A 103 -8.46 -8.76 -3.94
CA ASP A 103 -9.46 -9.65 -3.47
C ASP A 103 -9.80 -10.57 -4.66
N LEU A 104 -9.33 -11.85 -4.63
CA LEU A 104 -9.59 -12.69 -5.77
C LEU A 104 -10.82 -13.50 -5.47
N SER A 105 -11.93 -12.83 -5.58
CA SER A 105 -13.21 -13.47 -5.31
C SER A 105 -14.29 -12.64 -5.98
N GLU A 106 -15.52 -13.08 -5.90
CA GLU A 106 -16.65 -12.34 -6.47
C GLU A 106 -17.13 -11.16 -5.67
N LYS A 107 -16.58 -10.98 -4.48
CA LYS A 107 -17.14 -9.95 -3.60
C LYS A 107 -16.89 -8.57 -4.17
N PHE A 108 -17.83 -7.67 -3.92
CA PHE A 108 -17.70 -6.23 -4.24
C PHE A 108 -16.51 -5.61 -3.50
N ALA A 109 -15.69 -4.85 -4.27
CA ALA A 109 -14.51 -4.19 -3.69
C ALA A 109 -14.37 -2.85 -4.37
N LEU A 110 -13.88 -1.83 -3.68
CA LEU A 110 -13.70 -0.50 -4.28
C LEU A 110 -12.33 0.05 -3.88
N PRO A 111 -11.80 1.01 -4.61
CA PRO A 111 -10.65 1.79 -4.14
C PRO A 111 -11.02 2.37 -2.73
N SER A 112 -10.02 2.44 -1.83
CA SER A 112 -10.23 2.79 -0.47
C SER A 112 -9.21 3.75 0.05
N VAL A 113 -9.55 4.49 1.12
CA VAL A 113 -8.60 5.38 1.79
C VAL A 113 -8.19 4.73 3.13
N LYS A 114 -6.86 4.57 3.27
CA LYS A 114 -6.30 4.07 4.55
C LYS A 114 -5.67 5.18 5.32
N ILE A 115 -5.84 5.19 6.64
CA ILE A 115 -5.31 6.21 7.52
C ILE A 115 -4.53 5.49 8.66
N LYS A 116 -3.37 5.98 8.99
CA LYS A 116 -2.60 5.56 10.18
C LYS A 116 -2.20 6.81 10.90
N THR A 117 -2.42 6.81 12.24
CA THR A 117 -1.97 7.96 13.03
C THR A 117 -1.48 7.54 14.42
N ASP A 118 -0.41 8.17 14.87
CA ASP A 118 0.15 7.95 16.18
C ASP A 118 -0.01 9.24 17.03
N PHE A 119 -0.89 10.15 16.53
CA PHE A 119 -1.30 11.32 17.31
C PHE A 119 -2.81 11.41 17.23
N PRO A 120 -3.56 10.42 17.71
CA PRO A 120 -4.96 10.25 17.26
C PRO A 120 -5.95 11.37 17.59
N ALA A 121 -5.94 11.85 18.82
CA ALA A 121 -6.84 12.94 19.15
C ALA A 121 -6.41 14.20 18.46
N ILE A 122 -5.13 14.54 18.44
CA ILE A 122 -4.67 15.80 17.85
C ILE A 122 -4.99 15.74 16.35
N SER A 123 -4.59 14.71 15.66
CA SER A 123 -4.84 14.68 14.24
C SER A 123 -6.33 14.68 13.85
N THR A 124 -7.13 13.85 14.51
CA THR A 124 -8.48 13.69 14.08
C THR A 124 -9.40 14.73 14.62
N LEU A 125 -9.20 15.20 15.85
CA LEU A 125 -10.12 16.14 16.52
C LEU A 125 -9.48 17.50 16.52
N GLY A 126 -8.21 17.63 16.80
CA GLY A 126 -7.57 18.94 16.79
C GLY A 126 -7.43 19.56 15.41
N ALA A 127 -7.41 18.70 14.41
CA ALA A 127 -7.31 19.11 13.00
C ALA A 127 -8.44 18.64 12.12
N GLN A 128 -8.61 17.34 11.95
CA GLN A 128 -9.48 16.87 10.87
C GLN A 128 -10.97 17.21 11.02
N LYS A 129 -11.54 17.07 12.23
CA LYS A 129 -12.97 17.23 12.38
C LYS A 129 -13.44 18.56 11.80
N ALA A 130 -14.57 18.51 11.08
CA ALA A 130 -15.10 19.73 10.42
C ALA A 130 -15.88 20.61 11.42
N GLY A 131 -15.20 21.08 12.43
CA GLY A 131 -15.82 21.76 13.56
C GLY A 131 -16.03 23.23 13.41
N TRP A 132 -15.70 23.84 12.28
CA TRP A 132 -15.91 25.25 12.13
C TRP A 132 -16.98 25.54 11.10
N SER A 133 -18.09 26.18 11.50
CA SER A 133 -19.10 26.57 10.50
CA SER A 133 -19.09 26.53 10.49
C SER A 133 -18.65 27.88 9.89
N VAL A 134 -18.27 27.88 8.61
CA VAL A 134 -17.80 29.11 7.94
C VAL A 134 -18.95 29.68 7.15
N SER A 135 -19.37 30.87 7.57
CA SER A 135 -20.54 31.53 6.92
C SER A 135 -20.20 32.99 6.71
N VAL A 136 -20.00 33.33 5.44
CA VAL A 136 -19.55 34.71 5.10
C VAL A 136 -20.27 35.06 3.82
N GLY A 137 -21.17 36.05 3.81
CA GLY A 137 -22.05 36.28 2.64
C GLY A 137 -22.86 35.03 2.32
N ASP A 138 -22.73 34.59 1.07
CA ASP A 138 -23.43 33.39 0.61
C ASP A 138 -22.58 32.12 0.58
N PHE A 139 -21.37 32.31 1.09
CA PHE A 139 -20.44 31.14 1.26
C PHE A 139 -20.73 30.48 2.58
N PHE A 140 -21.05 29.21 2.51
CA PHE A 140 -21.34 28.44 3.68
C PHE A 140 -20.67 27.07 3.55
N ALA A 141 -19.76 26.74 4.50
CA ALA A 141 -19.17 25.36 4.46
C ALA A 141 -18.67 25.04 5.81
N LEU A 142 -18.53 23.76 6.06
CA LEU A 142 -17.79 23.34 7.26
C LEU A 142 -16.28 23.29 6.93
N GLY A 143 -15.58 23.94 7.80
CA GLY A 143 -14.14 24.05 7.72
C GLY A 143 -13.52 22.95 8.62
N SER A 144 -12.46 22.37 8.04
CA SER A 144 -11.68 21.30 8.72
CA SER A 144 -11.72 21.29 8.71
C SER A 144 -10.21 21.64 8.65
N GLY A 145 -9.40 21.03 9.45
CA GLY A 145 -7.96 21.15 9.36
C GLY A 145 -7.32 22.01 10.37
N PRO A 146 -6.01 22.22 10.21
CA PRO A 146 -5.17 22.80 11.29
C PRO A 146 -5.54 24.16 11.78
N ALA A 147 -6.13 24.99 10.88
CA ALA A 147 -6.49 26.36 11.27
C ALA A 147 -7.44 26.33 12.50
N ARG A 148 -8.23 25.21 12.60
CA ARG A 148 -9.10 25.09 13.80
C ARG A 148 -8.35 25.15 15.13
N ALA A 149 -7.10 24.74 15.11
CA ALA A 149 -6.37 24.71 16.33
C ALA A 149 -5.75 26.06 16.70
N LEU A 150 -5.97 27.09 15.86
CA LEU A 150 -5.64 28.46 16.18
C LEU A 150 -6.92 29.21 16.53
N SER A 151 -8.01 29.00 15.74
CA SER A 151 -9.27 29.69 16.11
C SER A 151 -10.03 28.99 17.20
N LEU A 152 -9.56 27.79 17.59
CA LEU A 152 -10.16 27.00 18.72
C LEU A 152 -11.65 26.71 18.45
N LYS A 153 -11.95 26.08 17.30
CA LYS A 153 -13.31 25.84 16.87
C LYS A 153 -13.69 24.37 16.91
N PRO A 154 -14.46 23.95 17.88
CA PRO A 154 -15.01 24.68 19.03
C PRO A 154 -14.11 24.57 20.27
N ALA A 155 -14.33 25.43 21.24
CA ALA A 155 -13.43 25.51 22.37
C ALA A 155 -13.27 24.19 23.13
N GLU A 156 -14.34 23.49 23.32
CA GLU A 156 -14.35 22.34 24.20
C GLU A 156 -13.48 21.24 23.67
N THR A 157 -13.40 21.10 22.33
CA THR A 157 -12.52 20.06 21.80
C THR A 157 -11.09 20.23 22.29
N TYR A 158 -10.57 21.44 22.20
CA TYR A 158 -9.21 21.71 22.55
C TYR A 158 -8.92 21.57 24.04
N GLU A 159 -9.92 21.93 24.83
CA GLU A 159 -9.79 21.70 26.29
C GLU A 159 -9.70 20.21 26.52
N GLU A 160 -10.54 19.42 25.90
CA GLU A 160 -10.54 18.00 26.19
C GLU A 160 -9.41 17.19 25.65
N ILE A 161 -8.79 17.63 24.56
CA ILE A 161 -7.64 16.92 24.01
C ILE A 161 -6.31 17.55 24.46
N ASP A 162 -6.42 18.64 25.23
CA ASP A 162 -5.29 19.33 25.83
C ASP A 162 -4.26 19.71 24.73
N TYR A 163 -4.73 20.42 23.70
CA TYR A 163 -3.87 20.82 22.62
C TYR A 163 -4.32 22.17 22.08
N LYS A 164 -3.35 23.03 21.80
CA LYS A 164 -3.65 24.24 21.00
C LYS A 164 -2.41 24.46 20.14
N ASP A 165 -2.55 24.97 18.91
CA ASP A 165 -1.32 25.27 18.13
C ASP A 165 -0.84 26.70 18.37
N GLU A 166 0.36 26.95 17.98
CA GLU A 166 0.95 28.32 17.97
CA GLU A 166 0.91 28.31 17.99
C GLU A 166 1.63 28.43 16.61
N ALA A 167 1.17 29.33 15.74
CA ALA A 167 1.71 29.40 14.39
C ALA A 167 1.35 30.75 13.78
N ASP A 168 2.03 31.16 12.72
CA ASP A 168 1.79 32.44 12.18
C ASP A 168 1.15 32.21 10.81
N LEU A 169 0.73 30.98 10.52
CA LEU A 169 -0.02 30.68 9.29
CA LEU A 169 -0.01 30.67 9.29
C LEU A 169 -1.15 29.73 9.64
N ALA A 170 -2.18 29.72 8.78
CA ALA A 170 -3.39 28.92 9.07
C ALA A 170 -3.85 28.22 7.79
N ILE A 171 -4.08 26.90 7.88
CA ILE A 171 -4.49 26.10 6.76
C ILE A 171 -5.88 25.49 7.04
N LEU A 172 -6.86 25.71 6.18
CA LEU A 172 -8.20 25.22 6.37
C LEU A 172 -8.63 24.54 5.12
N THR A 173 -9.34 23.42 5.31
CA THR A 173 -10.00 22.80 4.14
C THR A 173 -11.51 22.93 4.25
N LEU A 174 -12.10 23.06 3.06
CA LEU A 174 -13.53 23.43 2.98
C LEU A 174 -14.25 22.57 2.00
N GLU A 175 -15.31 21.93 2.45
CA GLU A 175 -16.15 21.11 1.58
C GLU A 175 -17.24 22.00 1.03
N ALA A 176 -17.05 22.48 -0.19
CA ALA A 176 -17.92 23.56 -0.71
C ALA A 176 -17.99 23.42 -2.23
N ASP A 177 -19.04 23.97 -2.82
CA ASP A 177 -19.26 23.82 -4.23
C ASP A 177 -18.77 25.02 -5.05
N VAL A 178 -18.32 26.05 -4.36
CA VAL A 178 -17.76 27.25 -4.97
C VAL A 178 -16.44 27.63 -4.27
N LEU A 179 -15.61 28.46 -4.90
CA LEU A 179 -14.34 28.87 -4.29
C LEU A 179 -14.64 30.00 -3.33
N PRO A 180 -13.99 30.04 -2.17
CA PRO A 180 -14.12 31.19 -1.26
C PRO A 180 -13.34 32.34 -1.80
N GLY A 181 -13.79 33.54 -1.48
CA GLY A 181 -13.10 34.73 -1.91
C GLY A 181 -12.41 35.45 -0.78
N GLU A 182 -12.04 36.69 -1.06
CA GLU A 182 -11.26 37.50 -0.14
C GLU A 182 -11.88 37.69 1.24
N ASP A 183 -13.20 37.91 1.28
CA ASP A 183 -13.80 38.11 2.57
C ASP A 183 -13.77 36.84 3.43
N VAL A 184 -13.92 35.65 2.83
CA VAL A 184 -13.87 34.41 3.60
C VAL A 184 -12.44 34.24 4.13
N ALA A 185 -11.42 34.52 3.33
CA ALA A 185 -10.05 34.39 3.80
C ALA A 185 -9.78 35.33 4.93
N GLN A 186 -10.27 36.59 4.83
CA GLN A 186 -10.05 37.59 5.87
C GLN A 186 -10.70 37.22 7.22
N TYR A 187 -11.92 36.62 7.10
CA TYR A 187 -12.62 36.13 8.29
C TYR A 187 -11.79 35.00 8.96
N ILE A 188 -11.32 34.06 8.17
CA ILE A 188 -10.53 32.91 8.76
C ILE A 188 -9.27 33.46 9.38
N ALA A 189 -8.59 34.44 8.74
CA ALA A 189 -7.34 34.99 9.28
C ALA A 189 -7.60 35.65 10.62
N ASP A 190 -8.68 36.41 10.71
CA ASP A 190 -8.96 37.16 11.93
C ASP A 190 -9.29 36.18 13.06
N GLU A 191 -10.08 35.16 12.77
CA GLU A 191 -10.39 34.18 13.81
C GLU A 191 -9.20 33.34 14.27
N CYS A 192 -8.27 33.17 13.35
CA CYS A 192 -7.04 32.39 13.66
C CYS A 192 -5.91 33.24 14.25
N GLY A 193 -6.06 34.58 14.30
CA GLY A 193 -5.00 35.50 14.77
C GLY A 193 -3.76 35.45 13.94
N VAL A 194 -3.93 35.24 12.60
CA VAL A 194 -2.82 35.28 11.66
C VAL A 194 -3.11 36.38 10.64
N ASP A 195 -2.11 36.83 9.90
CA ASP A 195 -2.33 37.75 8.76
C ASP A 195 -2.96 36.95 7.61
N VAL A 196 -3.89 37.57 6.91
CA VAL A 196 -4.60 36.89 5.82
C VAL A 196 -3.66 36.43 4.68
N ALA A 197 -2.50 37.15 4.54
CA ALA A 197 -1.56 36.72 3.56
C ALA A 197 -0.95 35.34 3.89
N ASN A 198 -1.09 34.87 5.14
CA ASN A 198 -0.58 33.56 5.52
C ASN A 198 -1.72 32.56 5.74
N VAL A 199 -2.88 32.78 5.10
CA VAL A 199 -3.98 31.79 5.06
C VAL A 199 -3.93 30.97 3.79
N PHE A 200 -4.18 29.67 3.93
CA PHE A 200 -4.25 28.73 2.78
C PHE A 200 -5.56 27.97 2.92
N LEU A 201 -6.37 28.05 1.84
CA LEU A 201 -7.67 27.37 1.84
C LEU A 201 -7.69 26.33 0.76
N LEU A 202 -8.00 25.10 1.13
CA LEU A 202 -8.10 23.96 0.16
C LEU A 202 -9.61 23.73 0.02
N VAL A 203 -10.12 23.54 -1.21
CA VAL A 203 -11.55 23.44 -1.38
CA VAL A 203 -11.57 23.44 -1.35
C VAL A 203 -11.90 22.31 -2.30
N ALA A 204 -12.94 21.50 -1.95
CA ALA A 204 -13.43 20.50 -2.95
C ALA A 204 -14.94 20.27 -2.62
N PRO A 205 -15.77 20.14 -3.64
CA PRO A 205 -17.16 19.79 -3.38
C PRO A 205 -17.34 18.38 -2.79
N THR A 206 -18.42 18.18 -2.08
CA THR A 206 -18.75 16.77 -1.71
C THR A 206 -18.75 15.90 -2.95
N ALA A 207 -19.36 16.41 -4.04
CA ALA A 207 -19.52 15.74 -5.31
C ALA A 207 -18.28 15.88 -6.17
N SER A 208 -17.19 15.28 -5.73
CA SER A 208 -15.94 15.28 -6.49
C SER A 208 -15.11 14.11 -6.02
N LEU A 209 -14.09 13.74 -6.79
CA LEU A 209 -13.21 12.64 -6.36
C LEU A 209 -12.48 12.99 -5.07
N VAL A 210 -12.01 14.23 -4.94
CA VAL A 210 -11.34 14.58 -3.69
C VAL A 210 -12.38 14.62 -2.59
N GLY A 211 -13.64 15.02 -2.84
CA GLY A 211 -14.66 14.93 -1.76
C GLY A 211 -14.89 13.51 -1.27
N SER A 212 -15.02 12.58 -2.18
CA SER A 212 -15.25 11.18 -1.74
C SER A 212 -14.01 10.68 -0.98
N ILE A 213 -12.81 11.04 -1.43
CA ILE A 213 -11.57 10.59 -0.73
C ILE A 213 -11.48 11.17 0.65
N GLN A 214 -11.69 12.48 0.79
CA GLN A 214 -11.44 13.12 2.07
C GLN A 214 -12.52 12.66 3.06
N ILE A 215 -13.74 12.41 2.60
CA ILE A 215 -14.76 11.95 3.54
C ILE A 215 -14.55 10.48 3.96
N ALA A 216 -14.14 9.63 3.07
CA ALA A 216 -13.70 8.27 3.44
C ALA A 216 -12.54 8.29 4.41
N GLY A 217 -11.68 9.30 4.25
CA GLY A 217 -10.56 9.48 5.14
C GLY A 217 -10.93 9.91 6.53
N ARG A 218 -12.18 10.21 6.79
CA ARG A 218 -12.70 10.58 8.11
C ARG A 218 -13.13 9.33 8.93
N VAL A 219 -12.83 8.14 8.37
CA VAL A 219 -13.27 6.93 9.08
C VAL A 219 -12.82 6.87 10.57
N VAL A 220 -11.52 7.23 10.78
CA VAL A 220 -11.03 7.20 12.17
C VAL A 220 -11.65 8.32 13.00
N GLU A 221 -11.76 9.52 12.44
CA GLU A 221 -12.35 10.68 13.13
CA GLU A 221 -12.31 10.70 13.13
C GLU A 221 -13.72 10.33 13.60
N ASN A 222 -14.52 9.66 12.78
CA ASN A 222 -15.91 9.47 13.19
C ASN A 222 -15.94 8.68 14.51
N GLY A 223 -15.06 7.72 14.67
CA GLY A 223 -14.98 7.05 15.95
C GLY A 223 -14.42 7.86 17.14
N THR A 224 -13.34 8.61 16.91
CA THR A 224 -12.81 9.42 17.96
C THR A 224 -13.76 10.54 18.40
N TYR A 225 -14.48 11.16 17.44
CA TYR A 225 -15.38 12.21 17.90
C TYR A 225 -16.53 11.55 18.66
N LYS A 226 -17.03 10.42 18.20
CA LYS A 226 -18.14 9.74 18.92
C LYS A 226 -17.63 9.35 20.31
N MET A 227 -16.39 8.85 20.44
CA MET A 227 -15.84 8.54 21.77
C MET A 227 -15.93 9.78 22.64
N LEU A 228 -15.50 10.95 22.15
CA LEU A 228 -15.37 12.14 22.95
C LEU A 228 -16.73 12.73 23.29
N GLU A 229 -17.54 12.94 22.25
CA GLU A 229 -18.75 13.75 22.46
C GLU A 229 -19.92 12.91 22.92
N PHE A 230 -20.02 11.68 22.51
CA PHE A 230 -21.21 10.86 22.85
CA PHE A 230 -21.18 10.83 22.75
C PHE A 230 -20.93 9.90 23.97
N LEU A 231 -19.78 9.24 23.92
CA LEU A 231 -19.49 8.28 24.96
C LEU A 231 -18.77 8.85 26.14
N LYS A 232 -18.24 10.09 26.06
CA LYS A 232 -17.53 10.80 27.16
C LYS A 232 -16.27 9.97 27.57
N PHE A 233 -15.66 9.33 26.59
CA PHE A 233 -14.41 8.62 26.78
C PHE A 233 -13.28 9.58 26.52
N ASP A 234 -12.25 9.50 27.33
CA ASP A 234 -11.13 10.40 27.18
C ASP A 234 -10.24 9.95 26.04
N VAL A 235 -10.38 10.66 24.89
CA VAL A 235 -9.65 10.21 23.70
C VAL A 235 -8.14 10.47 23.79
N LYS A 236 -7.66 11.16 24.85
CA LYS A 236 -6.22 11.23 25.00
C LYS A 236 -5.67 9.83 25.38
N LYS A 237 -6.53 8.86 25.72
CA LYS A 237 -6.11 7.51 25.99
C LYS A 237 -5.91 6.73 24.70
N VAL A 238 -6.25 7.30 23.53
CA VAL A 238 -6.06 6.58 22.23
C VAL A 238 -4.63 6.85 21.84
N VAL A 239 -3.82 5.83 21.86
CA VAL A 239 -2.39 5.99 21.59
C VAL A 239 -2.08 5.89 20.07
N HIS A 240 -2.72 4.93 19.43
CA HIS A 240 -2.54 4.75 17.99
C HIS A 240 -3.89 4.51 17.38
N ALA A 241 -4.07 4.83 16.09
CA ALA A 241 -5.32 4.51 15.46
C ALA A 241 -5.09 4.28 13.97
N ALA A 242 -5.91 3.44 13.38
CA ALA A 242 -5.87 3.27 11.91
C ALA A 242 -7.27 2.93 11.42
N GLY A 243 -7.48 3.09 10.12
CA GLY A 243 -8.80 2.75 9.59
C GLY A 243 -8.77 2.71 8.09
N ILE A 244 -9.83 2.23 7.49
CA ILE A 244 -9.96 2.17 6.04
C ILE A 244 -11.41 2.27 5.67
N ALA A 245 -11.73 3.00 4.58
CA ALA A 245 -13.12 3.08 4.08
C ALA A 245 -13.08 3.22 2.58
N PRO A 246 -14.11 2.73 1.93
CA PRO A 246 -14.12 2.80 0.43
C PRO A 246 -14.39 4.25 0.00
N ILE A 247 -13.89 4.53 -1.19
CA ILE A 247 -14.18 5.80 -1.88
C ILE A 247 -15.56 5.67 -2.56
N ALA A 248 -16.54 6.47 -2.12
CA ALA A 248 -17.89 6.37 -2.69
C ALA A 248 -17.88 6.85 -4.14
N PRO A 249 -18.81 6.30 -4.91
CA PRO A 249 -19.02 6.88 -6.24
C PRO A 249 -19.46 8.32 -6.13
N ILE A 250 -19.05 9.10 -7.13
CA ILE A 250 -19.37 10.50 -7.14
C ILE A 250 -20.71 10.76 -7.78
N ASP A 251 -21.56 11.46 -7.05
CA ASP A 251 -22.92 11.78 -7.56
C ASP A 251 -22.97 13.29 -7.64
N PRO A 252 -23.44 13.84 -8.79
CA PRO A 252 -23.40 15.30 -8.94
C PRO A 252 -24.43 16.04 -8.06
N ASP A 253 -25.41 15.29 -7.52
CA ASP A 253 -26.41 15.88 -6.65
C ASP A 253 -25.81 15.99 -5.26
N GLY A 254 -25.73 17.21 -4.74
CA GLY A 254 -24.97 17.40 -3.52
C GLY A 254 -25.59 16.59 -2.37
N LEU A 255 -26.92 16.41 -2.36
CA LEU A 255 -27.63 15.71 -1.25
C LEU A 255 -27.40 14.23 -1.42
N LYS A 256 -27.43 13.73 -2.61
CA LYS A 256 -27.09 12.33 -2.86
C LYS A 256 -25.63 12.04 -2.55
N ALA A 257 -24.73 12.96 -2.86
CA ALA A 257 -23.32 12.83 -2.56
C ALA A 257 -23.08 12.85 -1.08
N MET A 258 -23.78 13.68 -0.36
CA MET A 258 -23.65 13.62 1.11
C MET A 258 -24.05 12.23 1.54
N GLY A 259 -25.10 11.65 1.07
CA GLY A 259 -25.58 10.31 1.52
C GLY A 259 -24.55 9.25 1.16
N LYS A 260 -24.05 9.20 -0.06
CA LYS A 260 -23.18 8.11 -0.51
C LYS A 260 -21.84 8.20 0.24
N THR A 261 -21.25 9.40 0.36
CA THR A 261 -19.97 9.53 1.03
C THR A 261 -20.13 9.21 2.55
N ASN A 262 -21.24 9.63 3.21
CA ASN A 262 -21.42 9.17 4.61
C ASN A 262 -21.47 7.63 4.62
N ASP A 263 -22.25 7.08 3.73
CA ASP A 263 -22.49 5.60 3.71
C ASP A 263 -21.15 4.82 3.60
N ALA A 264 -20.20 5.36 2.85
CA ALA A 264 -18.88 4.75 2.73
C ALA A 264 -18.26 4.50 4.10
N VAL A 265 -18.39 5.45 5.03
CA VAL A 265 -17.85 5.25 6.37
C VAL A 265 -18.81 4.39 7.23
N LEU A 266 -20.07 4.76 7.26
CA LEU A 266 -21.07 4.15 8.17
C LEU A 266 -21.30 2.67 7.85
N PHE A 267 -21.17 2.28 6.59
CA PHE A 267 -21.32 0.89 6.21
C PHE A 267 -19.99 0.25 5.81
N GLY A 268 -19.02 1.04 5.34
CA GLY A 268 -17.83 0.39 4.79
C GLY A 268 -16.62 0.59 5.61
N GLY A 269 -16.66 1.34 6.70
CA GLY A 269 -15.40 1.72 7.36
C GLY A 269 -14.98 0.72 8.44
N ARG A 270 -13.73 0.37 8.43
CA ARG A 270 -13.10 -0.38 9.53
C ARG A 270 -12.14 0.55 10.33
N THR A 271 -12.18 0.39 11.66
CA THR A 271 -11.28 1.16 12.50
C THR A 271 -10.57 0.33 13.57
N TYR A 272 -9.39 0.79 13.97
CA TYR A 272 -8.49 0.09 14.90
C TYR A 272 -7.91 1.07 15.91
N TYR A 273 -8.35 0.95 17.14
CA TYR A 273 -7.94 1.88 18.21
C TYR A 273 -7.14 1.13 19.25
N TYR A 274 -5.98 1.65 19.50
CA TYR A 274 -5.05 1.10 20.52
C TYR A 274 -5.11 2.03 21.70
N VAL A 275 -5.69 1.60 22.83
CA VAL A 275 -5.94 2.50 23.90
C VAL A 275 -5.22 2.11 25.13
N LYS A 276 -5.01 3.06 26.01
CA LYS A 276 -4.47 2.72 27.35
C LYS A 276 -5.56 3.04 28.38
N SER A 277 -6.34 2.01 28.78
CA SER A 277 -7.36 2.21 29.78
C SER A 277 -6.76 2.41 31.17
N GLU A 278 -7.54 3.05 32.04
CA GLU A 278 -7.26 3.26 33.47
C GLU A 278 -8.35 2.57 34.30
N GLU A 279 -8.06 2.37 35.60
CA GLU A 279 -9.05 1.65 36.43
C GLU A 279 -10.39 2.40 36.38
N GLY A 280 -11.46 1.62 36.24
CA GLY A 280 -12.77 2.18 36.18
C GLY A 280 -13.29 2.35 34.79
N ASP A 281 -12.40 2.30 33.79
CA ASP A 281 -12.87 2.31 32.38
C ASP A 281 -13.56 1.02 31.99
N ASP A 282 -14.54 1.08 31.08
CA ASP A 282 -15.20 -0.13 30.61
C ASP A 282 -15.02 -0.14 29.10
N ILE A 283 -13.87 -0.63 28.71
CA ILE A 283 -13.52 -0.62 27.29
C ILE A 283 -14.48 -1.50 26.49
N ALA A 284 -14.93 -2.62 27.05
CA ALA A 284 -15.86 -3.50 26.34
C ALA A 284 -17.09 -2.65 25.94
N ALA A 285 -17.54 -1.82 26.87
CA ALA A 285 -18.74 -1.01 26.60
C ALA A 285 -18.43 0.12 25.59
N VAL A 286 -17.27 0.75 25.64
CA VAL A 286 -16.87 1.76 24.59
C VAL A 286 -16.93 1.07 23.25
N ALA A 287 -16.31 -0.13 23.12
CA ALA A 287 -16.31 -0.78 21.84
C ALA A 287 -17.73 -1.06 21.33
N ALA A 288 -18.57 -1.58 22.22
CA ALA A 288 -19.91 -1.97 21.81
C ALA A 288 -20.80 -0.77 21.42
N GLN A 289 -20.53 0.37 22.05
CA GLN A 289 -21.33 1.59 21.92
CA GLN A 289 -21.42 1.51 21.81
C GLN A 289 -20.89 2.33 20.67
N LEU A 290 -19.67 2.01 20.12
CA LEU A 290 -19.13 2.90 19.06
C LEU A 290 -19.68 2.76 17.65
N PRO A 291 -19.88 1.56 17.14
CA PRO A 291 -20.23 1.45 15.72
C PRO A 291 -21.54 2.15 15.28
N SER A 292 -21.63 2.44 13.99
CA SER A 292 -22.83 3.06 13.49
C SER A 292 -24.10 2.22 13.82
N SER A 293 -23.98 0.90 13.86
CA SER A 293 -25.16 0.03 14.03
C SER A 293 -25.66 0.11 15.48
N ALA A 294 -24.93 0.73 16.37
CA ALA A 294 -25.44 0.94 17.75
C ALA A 294 -26.44 2.06 17.80
N ALA A 295 -26.49 2.89 16.74
CA ALA A 295 -27.41 4.07 16.73
C ALA A 295 -28.82 3.72 16.33
N ASP A 296 -29.78 4.45 16.93
CA ASP A 296 -31.18 4.29 16.47
C ASP A 296 -31.24 4.95 15.07
N GLY A 297 -32.04 4.33 14.22
CA GLY A 297 -32.10 4.72 12.84
C GLY A 297 -31.07 4.13 11.95
N TYR A 298 -30.09 3.38 12.47
CA TYR A 298 -29.16 2.71 11.56
C TYR A 298 -30.00 1.82 10.66
N GLY A 299 -29.53 1.63 9.41
CA GLY A 299 -29.99 0.44 8.72
C GLY A 299 -30.54 0.75 7.33
N LYS A 300 -30.43 2.02 6.91
CA LYS A 300 -30.79 2.44 5.56
C LYS A 300 -29.75 3.40 5.10
N PRO A 301 -29.61 3.55 3.80
CA PRO A 301 -28.69 4.55 3.26
C PRO A 301 -28.94 5.93 3.85
N PHE A 302 -27.87 6.68 4.10
CA PHE A 302 -28.03 7.94 4.79
C PHE A 302 -28.98 8.91 4.04
N PHE A 303 -28.98 8.91 2.75
CA PHE A 303 -29.93 9.74 1.99
C PHE A 303 -31.37 9.45 2.44
N ASP A 304 -31.72 8.18 2.62
CA ASP A 304 -33.05 7.75 3.01
C ASP A 304 -33.30 8.06 4.47
N VAL A 305 -32.29 7.93 5.33
CA VAL A 305 -32.42 8.29 6.74
C VAL A 305 -32.71 9.78 6.81
N PHE A 306 -32.00 10.58 6.01
CA PHE A 306 -32.08 12.06 6.05
C PHE A 306 -33.46 12.50 5.50
N LYS A 307 -33.98 11.79 4.49
CA LYS A 307 -35.26 12.06 3.85
C LYS A 307 -36.40 11.59 4.78
N ASP A 308 -36.34 10.33 5.29
CA ASP A 308 -37.38 9.82 6.20
CA ASP A 308 -37.44 9.89 6.11
C ASP A 308 -37.51 10.78 7.37
N ALA A 309 -36.39 11.40 7.74
CA ALA A 309 -36.29 12.44 8.78
C ALA A 309 -36.66 13.87 8.31
N GLY A 310 -37.29 13.99 7.14
CA GLY A 310 -37.66 15.31 6.58
C GLY A 310 -36.49 16.27 6.46
N PHE A 311 -35.34 15.80 5.99
CA PHE A 311 -34.13 16.60 5.73
C PHE A 311 -33.63 17.51 6.82
N ASP A 312 -33.83 17.07 8.06
CA ASP A 312 -33.43 17.91 9.20
C ASP A 312 -32.55 17.15 10.20
N PHE A 313 -31.36 17.72 10.43
CA PHE A 313 -30.33 17.06 11.24
C PHE A 313 -30.80 16.79 12.65
N TYR A 314 -31.79 17.56 13.09
CA TYR A 314 -32.34 17.43 14.43
C TYR A 314 -33.12 16.14 14.63
N GLN A 315 -33.59 15.50 13.55
CA GLN A 315 -34.39 14.30 13.77
C GLN A 315 -33.49 13.07 13.63
N ILE A 316 -32.16 13.29 13.67
CA ILE A 316 -31.17 12.23 13.35
C ILE A 316 -30.36 11.88 14.59
N ASP A 317 -30.21 10.59 14.90
CA ASP A 317 -29.32 10.22 16.02
C ASP A 317 -27.87 10.51 15.61
N LYS A 318 -27.20 11.44 16.27
CA LYS A 318 -25.88 11.83 15.83
C LYS A 318 -24.84 10.74 16.11
N GLY A 319 -25.25 9.77 16.91
CA GLY A 319 -24.44 8.58 17.15
C GLY A 319 -24.35 7.70 15.89
N MET A 320 -25.20 7.98 14.89
CA MET A 320 -25.10 7.25 13.67
CA MET A 320 -25.09 7.22 13.68
C MET A 320 -23.83 7.52 12.89
N PHE A 321 -23.21 8.69 13.11
CA PHE A 321 -22.00 9.03 12.38
C PHE A 321 -20.80 8.40 13.07
N ALA A 322 -20.46 7.22 12.58
CA ALA A 322 -19.53 6.30 13.30
C ALA A 322 -19.08 5.32 12.27
N PRO A 323 -17.92 4.67 12.52
CA PRO A 323 -17.49 3.63 11.61
C PRO A 323 -18.37 2.40 11.65
N ALA A 324 -18.34 1.65 10.55
CA ALA A 324 -19.13 0.40 10.49
C ALA A 324 -18.64 -0.63 11.49
N GLU A 325 -17.34 -0.82 11.44
CA GLU A 325 -16.69 -1.81 12.33
C GLU A 325 -15.68 -1.12 13.23
N VAL A 326 -15.58 -1.58 14.47
CA VAL A 326 -14.66 -1.03 15.46
C VAL A 326 -13.84 -2.14 16.11
N VAL A 327 -12.52 -2.05 16.10
CA VAL A 327 -11.68 -3.04 16.84
C VAL A 327 -10.90 -2.19 17.81
N ILE A 328 -10.89 -2.58 19.07
CA ILE A 328 -10.12 -1.90 20.09
C ILE A 328 -9.14 -2.86 20.77
N ASN A 329 -7.88 -2.49 20.82
CA ASN A 329 -6.85 -3.21 21.64
C ASN A 329 -6.57 -2.35 22.85
N ASP A 330 -6.88 -2.87 24.04
CA ASP A 330 -6.56 -2.22 25.27
C ASP A 330 -5.16 -2.62 25.65
N LEU A 331 -4.21 -1.73 25.56
CA LEU A 331 -2.85 -2.01 25.91
C LEU A 331 -2.66 -2.29 27.41
N THR A 332 -3.56 -1.78 28.21
CA THR A 332 -3.37 -1.94 29.67
C THR A 332 -3.62 -3.44 30.06
N THR A 333 -4.54 -4.08 29.39
CA THR A 333 -4.95 -5.49 29.72
C THR A 333 -4.55 -6.53 28.69
N GLY A 334 -4.31 -6.11 27.43
CA GLY A 334 -4.04 -7.07 26.39
C GLY A 334 -5.32 -7.47 25.62
N LYS A 335 -6.50 -7.01 26.09
CA LYS A 335 -7.76 -7.46 25.46
C LYS A 335 -7.94 -6.86 24.02
N LEU A 336 -8.60 -7.63 23.23
CA LEU A 336 -9.05 -7.23 21.91
C LEU A 336 -10.56 -7.26 21.92
N TYR A 337 -11.21 -6.21 21.35
CA TYR A 337 -12.65 -6.18 21.23
C TYR A 337 -12.97 -5.90 19.78
N LYS A 338 -14.05 -6.46 19.26
CA LYS A 338 -14.47 -6.22 17.87
C LYS A 338 -15.95 -6.13 17.89
N GLU A 339 -16.47 -5.03 17.35
CA GLU A 339 -17.89 -4.72 17.36
C GLU A 339 -18.30 -4.14 16.02
N GLY A 340 -19.58 -4.19 15.73
CA GLY A 340 -20.04 -3.74 14.41
C GLY A 340 -19.63 -4.67 13.29
N PHE A 341 -19.75 -4.24 12.06
CA PHE A 341 -19.45 -5.04 10.89
C PHE A 341 -19.50 -4.20 9.65
N VAL A 342 -18.74 -4.56 8.64
CA VAL A 342 -18.86 -3.90 7.31
C VAL A 342 -20.08 -4.50 6.63
N ASN A 343 -20.98 -3.64 6.15
CA ASN A 343 -22.27 -4.09 5.58
C ASN A 343 -22.27 -3.91 4.08
N ALA A 344 -21.76 -4.88 3.35
CA ALA A 344 -21.72 -4.80 1.90
C ALA A 344 -23.09 -4.62 1.30
N GLU A 345 -24.15 -5.21 1.86
CA GLU A 345 -25.47 -5.11 1.20
C GLU A 345 -25.93 -3.65 1.27
N LEU A 346 -25.70 -2.96 2.38
CA LEU A 346 -26.12 -1.57 2.42
C LEU A 346 -25.23 -0.64 1.61
N LEU A 347 -23.94 -0.94 1.47
CA LEU A 347 -23.09 -0.16 0.54
C LEU A 347 -23.68 -0.34 -0.86
N LYS A 348 -24.00 -1.53 -1.29
CA LYS A 348 -24.48 -1.78 -2.68
C LYS A 348 -25.84 -1.03 -2.81
N LYS A 349 -26.73 -1.12 -1.79
CA LYS A 349 -28.01 -0.43 -1.91
C LYS A 349 -27.79 1.08 -2.00
N SER A 350 -26.86 1.64 -1.20
CA SER A 350 -26.64 3.06 -1.22
C SER A 350 -26.14 3.46 -2.62
N PHE A 351 -25.22 2.68 -3.19
CA PHE A 351 -24.57 3.03 -4.41
C PHE A 351 -25.38 2.65 -5.66
N GLY A 352 -26.48 1.89 -5.49
CA GLY A 352 -27.38 1.55 -6.61
C GLY A 352 -26.91 0.33 -7.39
N ILE A 353 -26.25 -0.59 -6.75
CA ILE A 353 -25.94 -1.82 -7.44
C ILE A 353 -26.49 -3.10 -6.77
N GLU A 354 -26.73 -4.13 -7.59
CA GLU A 354 -27.22 -5.39 -7.01
C GLU A 354 -26.08 -6.31 -6.50
N VAL B 35 27.12 -5.76 -1.66
CA VAL B 35 26.10 -4.92 -0.94
C VAL B 35 26.28 -5.09 0.59
N SER B 36 26.34 -3.95 1.27
CA SER B 36 26.63 -3.91 2.69
C SER B 36 25.35 -3.71 3.49
N VAL B 37 24.93 -4.70 4.32
CA VAL B 37 23.66 -4.52 5.08
C VAL B 37 23.81 -3.42 6.11
N ASN B 38 24.99 -3.25 6.71
CA ASN B 38 25.08 -2.19 7.71
C ASN B 38 25.01 -0.78 7.05
N LEU B 39 25.69 -0.63 5.89
CA LEU B 39 25.68 0.69 5.23
C LEU B 39 24.24 0.99 4.72
N GLU B 40 23.60 -0.04 4.24
CA GLU B 40 22.25 0.14 3.64
C GLU B 40 21.29 0.41 4.75
N ALA B 41 21.33 -0.36 5.85
CA ALA B 41 20.36 -0.13 6.95
C ALA B 41 20.62 1.28 7.56
N LYS B 42 21.84 1.82 7.52
CA LYS B 42 22.15 3.12 8.14
C LYS B 42 21.28 4.22 7.47
N LYS B 43 20.93 4.07 6.22
CA LYS B 43 20.04 5.05 5.55
C LYS B 43 18.70 5.17 6.30
N THR B 44 18.19 4.03 6.74
CA THR B 44 16.92 4.07 7.49
C THR B 44 17.11 4.47 8.93
N VAL B 45 18.22 4.03 9.55
CA VAL B 45 18.50 4.51 10.91
C VAL B 45 18.58 6.07 10.88
N ASP B 46 19.18 6.67 9.83
CA ASP B 46 19.27 8.12 9.83
C ASP B 46 17.91 8.78 9.77
N VAL B 47 16.96 8.20 9.04
CA VAL B 47 15.59 8.74 9.01
C VAL B 47 14.98 8.62 10.37
N MET B 48 15.18 7.46 11.06
CA MET B 48 14.62 7.29 12.38
C MET B 48 15.13 8.28 13.37
N ILE B 49 16.40 8.56 13.31
CA ILE B 49 16.98 9.51 14.21
C ILE B 49 16.48 10.96 13.91
N GLU B 50 16.42 11.34 12.64
CA GLU B 50 16.04 12.72 12.28
C GLU B 50 14.55 12.92 12.63
N LYS B 51 13.74 11.86 12.44
CA LYS B 51 12.32 12.02 12.61
C LYS B 51 11.87 11.42 13.98
N ALA B 52 12.76 11.31 14.95
CA ALA B 52 12.47 10.61 16.22
C ALA B 52 11.15 11.12 16.87
N ASP B 53 11.01 12.44 16.94
CA ASP B 53 9.85 13.06 17.60
C ASP B 53 8.55 12.74 16.87
N ASP B 54 8.65 12.76 15.55
CA ASP B 54 7.50 12.44 14.69
CA ASP B 54 7.49 12.44 14.68
C ASP B 54 7.06 10.98 14.83
N LEU B 55 8.04 10.12 15.23
CA LEU B 55 7.86 8.68 15.31
C LEU B 55 7.59 8.15 16.72
N ASN B 56 7.55 9.05 17.69
CA ASN B 56 7.38 8.70 19.07
C ASN B 56 8.46 7.66 19.54
N ILE B 57 9.72 7.97 19.17
CA ILE B 57 10.84 7.12 19.66
C ILE B 57 11.83 8.06 20.28
N ALA B 58 12.81 7.54 21.02
CA ALA B 58 13.73 8.37 21.73
C ALA B 58 15.15 7.93 21.45
N VAL B 59 15.97 8.87 21.04
CA VAL B 59 17.37 8.60 20.69
C VAL B 59 18.18 9.08 21.87
N SER B 60 19.07 8.23 22.39
CA SER B 60 20.04 8.64 23.41
C SER B 60 21.44 8.29 23.01
N LYS B 61 22.39 9.04 23.51
CA LYS B 61 23.81 8.71 23.35
C LYS B 61 24.42 8.26 24.63
N LEU B 62 25.06 7.09 24.56
CA LEU B 62 25.73 6.59 25.72
C LEU B 62 27.03 7.32 26.00
N GLU B 63 27.60 7.11 27.19
CA GLU B 63 28.85 7.84 27.50
C GLU B 63 30.03 7.48 26.55
N ASN B 64 30.02 6.26 26.03
CA ASN B 64 30.97 5.80 25.04
C ASN B 64 30.74 6.21 23.58
N GLY B 65 29.60 6.90 23.34
CA GLY B 65 29.31 7.42 22.02
C GLY B 65 28.33 6.52 21.31
N ALA B 66 28.02 5.27 21.73
CA ALA B 66 27.01 4.48 21.02
C ALA B 66 25.64 5.12 21.09
N THR B 67 24.82 4.85 20.08
CA THR B 67 23.43 5.41 20.09
C THR B 67 22.45 4.30 20.39
N VAL B 68 21.50 4.65 21.26
CA VAL B 68 20.36 3.73 21.53
C VAL B 68 19.07 4.42 21.05
N ILE B 69 18.28 3.67 20.29
CA ILE B 69 17.04 4.20 19.80
C ILE B 69 15.92 3.36 20.43
N ASP B 70 15.26 3.99 21.44
CA ASP B 70 14.19 3.37 22.16
C ASP B 70 12.93 3.44 21.28
N CYS B 71 12.43 2.29 20.83
CA CYS B 71 11.26 2.24 20.02
C CYS B 71 10.05 1.67 20.76
N GLY B 72 10.17 1.46 22.05
CA GLY B 72 9.01 0.96 22.80
C GLY B 72 9.10 0.66 24.32
N VAL B 73 10.27 0.96 24.89
CA VAL B 73 10.48 0.69 26.33
C VAL B 73 9.81 1.78 27.18
N ASN B 74 10.27 3.02 26.99
CA ASN B 74 9.71 4.18 27.74
C ASN B 74 8.92 5.11 26.85
N VAL B 75 8.68 4.71 25.61
CA VAL B 75 7.97 5.53 24.58
C VAL B 75 6.95 4.63 23.91
N ALA B 76 6.04 5.24 23.15
CA ALA B 76 4.98 4.52 22.51
C ALA B 76 5.38 3.85 21.20
N GLY B 77 6.38 4.45 20.56
CA GLY B 77 6.61 4.13 19.14
C GLY B 77 5.36 4.42 18.30
N SER B 78 5.39 3.91 17.10
CA SER B 78 4.39 4.26 16.08
C SER B 78 4.33 3.25 14.97
N PHE B 79 3.33 3.29 14.13
CA PHE B 79 3.36 2.43 12.98
C PHE B 79 4.58 2.61 12.16
N LYS B 80 4.91 3.86 11.83
CA LYS B 80 6.09 4.11 10.96
CA LYS B 80 6.07 4.10 10.94
C LYS B 80 7.36 3.66 11.68
N ALA B 81 7.51 3.94 13.00
CA ALA B 81 8.71 3.41 13.65
C ALA B 81 8.79 1.89 13.51
N GLY B 82 7.68 1.17 13.60
CA GLY B 82 7.74 -0.27 13.50
C GLY B 82 8.15 -0.69 12.13
N GLU B 83 7.62 -0.04 11.09
CA GLU B 83 7.93 -0.31 9.73
C GLU B 83 9.41 -0.13 9.53
N LEU B 84 9.97 1.01 9.99
CA LEU B 84 11.39 1.32 9.77
C LEU B 84 12.30 0.39 10.56
N TYR B 85 11.97 0.07 11.80
CA TYR B 85 12.68 -0.93 12.62
C TYR B 85 12.77 -2.26 11.88
N THR B 86 11.63 -2.69 11.29
CA THR B 86 11.65 -3.96 10.56
C THR B 86 12.56 -3.85 9.35
N LYS B 87 12.49 -2.74 8.62
CA LYS B 87 13.35 -2.55 7.48
C LYS B 87 14.87 -2.58 7.86
N VAL B 88 15.19 -2.06 9.05
CA VAL B 88 16.58 -2.12 9.54
C VAL B 88 16.87 -3.56 9.92
N CYS B 89 15.95 -4.32 10.51
CA CYS B 89 16.22 -5.75 10.82
C CYS B 89 16.60 -6.47 9.52
N LEU B 90 15.98 -6.12 8.41
CA LEU B 90 16.19 -6.71 7.05
C LEU B 90 17.41 -6.12 6.31
N GLY B 91 18.21 -5.37 7.04
CA GLY B 91 19.45 -4.88 6.42
C GLY B 91 19.24 -3.82 5.35
N GLY B 92 18.02 -3.20 5.36
CA GLY B 92 17.66 -2.28 4.25
C GLY B 92 17.40 -2.97 2.92
N LEU B 93 17.43 -4.33 2.90
CA LEU B 93 17.36 -5.09 1.66
C LEU B 93 15.97 -5.69 1.40
N ALA B 94 14.99 -5.00 1.88
CA ALA B 94 13.57 -5.32 1.70
C ALA B 94 12.77 -4.08 1.82
N ASP B 95 11.58 -4.10 1.23
CA ASP B 95 10.61 -3.02 1.45
C ASP B 95 9.59 -3.57 2.43
N VAL B 96 9.18 -2.68 3.31
CA VAL B 96 8.27 -2.98 4.45
C VAL B 96 7.11 -1.99 4.42
N GLY B 97 5.87 -2.49 4.51
CA GLY B 97 4.74 -1.56 4.59
C GLY B 97 3.73 -2.07 5.59
N ILE B 98 2.83 -1.20 6.02
CA ILE B 98 1.77 -1.51 6.90
C ILE B 98 0.46 -1.25 6.16
N SER B 99 -0.32 -2.28 5.89
CA SER B 99 -1.57 -2.23 5.15
C SER B 99 -2.74 -2.57 6.02
N ILE B 100 -3.94 -2.47 5.49
CA ILE B 100 -5.13 -3.17 6.05
C ILE B 100 -5.89 -4.08 5.09
N PRO B 101 -5.38 -5.29 4.88
CA PRO B 101 -5.83 -6.11 3.76
C PRO B 101 -7.22 -6.66 4.06
N GLY B 102 -7.87 -7.40 3.21
CA GLY B 102 -9.20 -7.78 3.68
C GLY B 102 -10.30 -6.93 3.10
N ASP B 103 -11.53 -7.34 3.35
CA ASP B 103 -12.52 -7.04 2.37
C ASP B 103 -13.79 -6.26 2.83
N LEU B 104 -14.73 -6.07 1.93
CA LEU B 104 -16.00 -5.50 2.31
C LEU B 104 -16.91 -6.65 2.72
N SER B 105 -16.68 -7.15 3.91
CA SER B 105 -17.44 -8.27 4.37
C SER B 105 -17.35 -8.37 5.85
N GLU B 106 -18.04 -9.38 6.39
CA GLU B 106 -18.06 -9.60 7.79
C GLU B 106 -16.75 -10.19 8.36
N LYS B 107 -15.81 -10.61 7.49
CA LYS B 107 -14.63 -11.35 7.99
C LYS B 107 -13.70 -10.46 8.78
N PHE B 108 -13.07 -11.00 9.81
CA PHE B 108 -12.07 -10.33 10.65
C PHE B 108 -10.86 -9.91 9.78
N ALA B 109 -10.43 -8.70 10.01
CA ALA B 109 -9.28 -8.07 9.31
C ALA B 109 -8.51 -7.28 10.29
N LEU B 110 -7.19 -7.22 10.16
CA LEU B 110 -6.30 -6.37 10.98
C LEU B 110 -5.26 -5.62 10.21
N PRO B 111 -4.76 -4.49 10.72
CA PRO B 111 -3.53 -3.89 10.18
C PRO B 111 -2.46 -5.00 10.09
N SER B 112 -1.68 -5.03 9.00
CA SER B 112 -0.77 -6.08 8.71
C SER B 112 0.55 -5.53 8.18
N VAL B 113 1.62 -6.32 8.35
CA VAL B 113 2.95 -5.97 7.81
C VAL B 113 3.24 -6.75 6.58
N LYS B 114 3.56 -6.06 5.48
CA LYS B 114 3.94 -6.71 4.25
C LYS B 114 5.42 -6.52 3.99
N ILE B 115 6.02 -7.56 3.42
CA ILE B 115 7.44 -7.58 3.14
C ILE B 115 7.59 -8.00 1.64
N LYS B 116 8.55 -7.31 1.01
CA LYS B 116 9.01 -7.70 -0.32
C LYS B 116 10.52 -7.67 -0.30
N THR B 117 11.17 -8.70 -0.83
CA THR B 117 12.63 -8.70 -0.87
C THR B 117 13.15 -9.36 -2.13
N ASP B 118 14.19 -8.80 -2.71
CA ASP B 118 14.87 -9.43 -3.86
C ASP B 118 16.29 -9.86 -3.47
N PHE B 119 16.47 -9.91 -2.15
CA PHE B 119 17.73 -10.43 -1.59
C PHE B 119 17.36 -11.42 -0.47
N PRO B 120 16.64 -12.51 -0.78
CA PRO B 120 15.86 -13.20 0.32
C PRO B 120 16.70 -13.84 1.39
N ALA B 121 17.77 -14.58 1.04
CA ALA B 121 18.62 -15.18 2.10
C ALA B 121 19.36 -14.09 2.86
N ILE B 122 19.98 -13.13 2.19
CA ILE B 122 20.75 -12.11 2.85
C ILE B 122 19.91 -11.24 3.79
N SER B 123 18.78 -10.76 3.29
CA SER B 123 17.96 -9.94 4.12
CA SER B 123 17.97 -9.90 4.13
C SER B 123 17.37 -10.72 5.31
N THR B 124 16.85 -11.91 5.06
CA THR B 124 16.08 -12.55 6.13
C THR B 124 16.99 -13.34 7.08
N LEU B 125 18.06 -13.91 6.56
CA LEU B 125 18.93 -14.76 7.40
C LEU B 125 20.24 -14.08 7.68
N GLY B 126 20.79 -13.34 6.76
CA GLY B 126 21.99 -12.58 7.01
C GLY B 126 21.81 -11.39 7.90
N ALA B 127 20.56 -10.90 7.98
CA ALA B 127 20.27 -9.77 8.84
C ALA B 127 19.08 -10.01 9.81
N GLN B 128 17.90 -10.27 9.29
CA GLN B 128 16.74 -10.26 10.16
C GLN B 128 16.73 -11.32 11.29
N LYS B 129 17.10 -12.53 10.94
CA LYS B 129 17.05 -13.59 11.98
C LYS B 129 17.65 -13.11 13.26
N ALA B 130 16.94 -13.44 14.37
CA ALA B 130 17.46 -13.07 15.72
C ALA B 130 18.51 -14.11 16.21
N GLY B 131 19.65 -14.10 15.52
CA GLY B 131 20.60 -15.24 15.64
C GLY B 131 21.69 -14.90 16.66
N TRP B 132 21.71 -13.77 17.38
CA TRP B 132 22.76 -13.45 18.27
C TRP B 132 22.17 -13.39 19.65
N SER B 133 22.61 -14.29 20.57
CA SER B 133 22.24 -14.25 21.97
CA SER B 133 22.16 -14.20 21.94
C SER B 133 23.07 -13.20 22.66
N VAL B 134 22.44 -12.11 23.10
CA VAL B 134 23.17 -11.04 23.71
C VAL B 134 22.95 -11.14 25.19
N SER B 135 24.02 -11.44 25.97
CA SER B 135 23.95 -11.70 27.42
CA SER B 135 23.87 -11.60 27.42
C SER B 135 25.05 -10.96 28.08
N VAL B 136 24.78 -9.88 28.79
CA VAL B 136 25.82 -9.04 29.34
C VAL B 136 25.21 -8.58 30.66
N GLY B 137 25.83 -8.92 31.78
CA GLY B 137 25.21 -8.56 33.08
C GLY B 137 23.82 -9.14 33.08
N ASP B 138 22.81 -8.35 33.47
CA ASP B 138 21.42 -8.80 33.53
C ASP B 138 20.59 -8.48 32.27
N PHE B 139 21.31 -8.03 31.24
CA PHE B 139 20.67 -7.75 29.96
C PHE B 139 20.72 -9.02 29.14
N PHE B 140 19.58 -9.57 28.82
CA PHE B 140 19.54 -10.72 27.95
C PHE B 140 18.53 -10.52 26.84
N ALA B 141 18.94 -10.63 25.59
CA ALA B 141 17.99 -10.42 24.50
C ALA B 141 18.55 -11.12 23.26
N LEU B 142 17.68 -11.43 22.31
CA LEU B 142 18.13 -11.85 21.01
C LEU B 142 18.34 -10.64 20.13
N GLY B 143 19.45 -10.58 19.48
CA GLY B 143 19.83 -9.49 18.61
C GLY B 143 19.60 -9.94 17.19
N SER B 144 19.00 -9.02 16.42
CA SER B 144 18.73 -9.15 15.01
C SER B 144 19.43 -7.98 14.25
N GLY B 145 19.50 -8.17 12.92
CA GLY B 145 19.88 -7.03 12.10
C GLY B 145 21.32 -7.10 11.63
N PRO B 146 21.73 -6.09 10.89
CA PRO B 146 22.96 -6.21 10.10
C PRO B 146 24.25 -6.37 10.88
N ALA B 147 24.30 -5.97 12.14
CA ALA B 147 25.51 -6.18 12.90
C ALA B 147 25.84 -7.68 12.94
N ARG B 148 24.85 -8.56 12.81
CA ARG B 148 25.08 -10.00 12.82
C ARG B 148 26.00 -10.45 11.67
N ALA B 149 26.04 -9.67 10.60
CA ALA B 149 26.85 -10.02 9.42
C ALA B 149 28.29 -9.51 9.56
N LEU B 150 28.65 -8.83 10.67
CA LEU B 150 30.04 -8.46 11.03
C LEU B 150 30.52 -9.43 12.13
N SER B 151 29.74 -9.73 13.14
CA SER B 151 30.13 -10.67 14.19
C SER B 151 29.96 -12.10 13.69
N LEU B 152 29.25 -12.34 12.60
CA LEU B 152 29.01 -13.70 12.01
C LEU B 152 28.32 -14.60 13.02
N LYS B 153 27.16 -14.18 13.46
CA LYS B 153 26.35 -14.82 14.50
C LYS B 153 25.09 -15.42 13.94
N PRO B 154 24.94 -16.74 13.76
CA PRO B 154 25.99 -17.79 13.96
C PRO B 154 26.78 -18.00 12.70
N ALA B 155 27.92 -18.69 12.81
CA ALA B 155 28.86 -18.82 11.69
C ALA B 155 28.22 -19.56 10.55
N GLU B 156 27.45 -20.61 10.85
CA GLU B 156 26.97 -21.52 9.83
C GLU B 156 25.98 -20.80 8.91
N THR B 157 25.21 -19.87 9.43
CA THR B 157 24.29 -19.13 8.55
C THR B 157 25.04 -18.42 7.44
N TYR B 158 26.14 -17.75 7.75
CA TYR B 158 26.91 -16.99 6.76
C TYR B 158 27.64 -17.84 5.75
N GLU B 159 28.05 -19.01 6.20
CA GLU B 159 28.57 -20.04 5.26
C GLU B 159 27.52 -20.44 4.23
N GLU B 160 26.33 -20.72 4.73
CA GLU B 160 25.31 -21.32 3.89
C GLU B 160 24.71 -20.28 2.94
N ILE B 161 24.71 -19.00 3.32
CA ILE B 161 24.10 -18.00 2.39
C ILE B 161 25.20 -17.27 1.58
N ASP B 162 26.46 -17.66 1.83
CA ASP B 162 27.63 -17.10 1.22
CA ASP B 162 27.61 -17.11 1.12
C ASP B 162 27.62 -15.58 1.22
N TYR B 163 27.56 -15.03 2.44
CA TYR B 163 27.55 -13.55 2.58
C TYR B 163 28.26 -13.18 3.82
N LYS B 164 29.03 -12.10 3.81
CA LYS B 164 29.54 -11.47 5.06
C LYS B 164 29.58 -9.98 4.75
N ASP B 165 29.37 -9.12 5.70
CA ASP B 165 29.52 -7.70 5.46
C ASP B 165 30.95 -7.20 5.81
N GLU B 166 31.29 -5.99 5.36
CA GLU B 166 32.50 -5.29 5.74
CA GLU B 166 32.51 -5.30 5.72
C GLU B 166 32.07 -3.86 5.92
N ALA B 167 32.17 -3.35 7.15
CA ALA B 167 31.68 -1.99 7.41
C ALA B 167 32.32 -1.44 8.63
N ASP B 168 32.27 -0.11 8.80
CA ASP B 168 32.84 0.51 10.00
CA ASP B 168 32.83 0.60 9.95
C ASP B 168 31.80 1.02 10.99
N LEU B 169 30.56 0.52 10.81
CA LEU B 169 29.49 0.78 11.78
CA LEU B 169 29.49 0.78 11.76
C LEU B 169 28.67 -0.49 11.90
N ALA B 170 27.96 -0.63 13.04
CA ALA B 170 27.21 -1.89 13.27
C ALA B 170 25.84 -1.46 13.84
N ILE B 171 24.78 -2.05 13.28
CA ILE B 171 23.39 -1.70 13.70
C ILE B 171 22.71 -3.03 14.10
N LEU B 172 22.25 -3.05 15.36
CA LEU B 172 21.59 -4.22 15.87
C LEU B 172 20.25 -3.80 16.45
N THR B 173 19.27 -4.69 16.28
CA THR B 173 17.96 -4.49 16.93
C THR B 173 17.76 -5.56 17.99
N LEU B 174 17.11 -5.15 19.07
CA LEU B 174 17.05 -5.97 20.31
C LEU B 174 15.58 -6.01 20.79
N GLU B 175 15.03 -7.19 20.91
CA GLU B 175 13.75 -7.43 21.54
C GLU B 175 13.96 -7.55 23.04
N ALA B 176 13.62 -6.49 23.75
CA ALA B 176 13.97 -6.40 25.18
C ALA B 176 13.08 -5.44 25.91
N ASP B 177 12.92 -5.65 27.21
CA ASP B 177 11.94 -4.87 27.99
C ASP B 177 12.67 -3.72 28.70
N VAL B 178 14.02 -3.61 28.55
CA VAL B 178 14.82 -2.52 29.11
C VAL B 178 15.85 -2.04 28.13
N LEU B 179 16.40 -0.86 28.34
CA LEU B 179 17.37 -0.35 27.36
C LEU B 179 18.73 -0.92 27.72
N PRO B 180 19.54 -1.24 26.74
CA PRO B 180 20.96 -1.64 26.97
C PRO B 180 21.83 -0.49 27.33
N GLY B 181 22.87 -0.76 28.06
CA GLY B 181 23.80 0.27 28.45
C GLY B 181 25.16 0.08 27.82
N GLU B 182 26.14 0.74 28.42
CA GLU B 182 27.47 0.95 27.83
CA GLU B 182 27.45 0.91 27.83
C GLU B 182 28.22 -0.37 27.64
N ASP B 183 28.03 -1.30 28.59
CA ASP B 183 28.74 -2.55 28.49
C ASP B 183 28.14 -3.38 27.36
N VAL B 184 26.85 -3.33 27.10
CA VAL B 184 26.26 -4.04 25.95
C VAL B 184 26.75 -3.46 24.65
N ALA B 185 26.80 -2.13 24.58
CA ALA B 185 27.28 -1.51 23.34
C ALA B 185 28.74 -1.87 23.03
N GLN B 186 29.55 -1.86 24.09
CA GLN B 186 31.00 -2.20 23.92
C GLN B 186 31.14 -3.62 23.49
N TYR B 187 30.35 -4.54 24.02
CA TYR B 187 30.45 -5.94 23.68
C TYR B 187 30.07 -6.10 22.19
N ILE B 188 29.04 -5.38 21.77
CA ILE B 188 28.63 -5.52 20.36
C ILE B 188 29.76 -4.92 19.47
N ALA B 189 30.26 -3.75 19.84
CA ALA B 189 31.37 -3.09 19.09
C ALA B 189 32.53 -4.07 18.92
N ASP B 190 32.98 -4.69 20.01
CA ASP B 190 34.18 -5.56 19.91
C ASP B 190 33.87 -6.76 19.03
N GLU B 191 32.70 -7.39 19.18
CA GLU B 191 32.37 -8.55 18.41
C GLU B 191 32.27 -8.19 16.93
N CYS B 192 31.80 -6.96 16.60
CA CYS B 192 31.69 -6.59 15.19
C CYS B 192 32.92 -5.96 14.62
N GLY B 193 33.92 -5.75 15.42
CA GLY B 193 35.16 -5.11 14.95
C GLY B 193 35.04 -3.65 14.60
N VAL B 194 34.16 -2.95 15.26
CA VAL B 194 33.94 -1.54 15.00
C VAL B 194 34.13 -0.67 16.24
N ASP B 195 34.34 0.63 16.03
CA ASP B 195 34.38 1.58 17.12
CA ASP B 195 34.37 1.61 17.07
C ASP B 195 33.03 1.63 17.83
N VAL B 196 32.99 1.65 19.13
CA VAL B 196 31.71 1.68 19.87
C VAL B 196 30.90 2.95 19.54
N ALA B 197 31.58 4.08 19.23
CA ALA B 197 30.84 5.26 18.81
C ALA B 197 30.11 5.06 17.53
N ASN B 198 30.38 3.99 16.75
CA ASN B 198 29.66 3.66 15.54
C ASN B 198 28.68 2.49 15.71
N VAL B 199 28.29 2.25 16.97
CA VAL B 199 27.27 1.19 17.15
C VAL B 199 25.90 1.91 17.37
N PHE B 200 24.89 1.35 16.75
CA PHE B 200 23.50 1.81 16.85
C PHE B 200 22.63 0.63 17.29
N LEU B 201 21.93 0.83 18.42
CA LEU B 201 21.08 -0.26 18.96
C LEU B 201 19.64 0.22 18.99
N LEU B 202 18.76 -0.49 18.32
CA LEU B 202 17.29 -0.23 18.31
C LEU B 202 16.65 -1.22 19.26
N VAL B 203 15.74 -0.75 20.13
CA VAL B 203 15.20 -1.67 21.11
C VAL B 203 13.67 -1.53 21.19
N ALA B 204 12.96 -2.61 21.31
CA ALA B 204 11.53 -2.55 21.63
C ALA B 204 11.08 -3.83 22.33
N PRO B 205 10.22 -3.76 23.34
CA PRO B 205 9.74 -4.99 23.96
C PRO B 205 8.85 -5.77 23.04
N THR B 206 8.77 -7.10 23.24
CA THR B 206 7.74 -7.92 22.59
C THR B 206 6.35 -7.26 22.76
N ALA B 207 6.08 -6.82 23.99
CA ALA B 207 4.80 -6.20 24.32
C ALA B 207 4.79 -4.69 24.03
N SER B 208 4.85 -4.37 22.74
CA SER B 208 4.76 -2.99 22.25
C SER B 208 4.27 -3.02 20.82
N LEU B 209 3.81 -1.90 20.31
CA LEU B 209 3.38 -1.87 18.90
C LEU B 209 4.51 -2.25 17.95
N VAL B 210 5.70 -1.63 18.24
CA VAL B 210 6.85 -1.96 17.39
C VAL B 210 7.19 -3.47 17.50
N GLY B 211 7.08 -4.02 18.72
CA GLY B 211 7.23 -5.48 18.87
C GLY B 211 6.30 -6.27 18.01
N SER B 212 5.01 -5.99 18.07
CA SER B 212 4.04 -6.72 17.19
C SER B 212 4.33 -6.57 15.69
N ILE B 213 4.72 -5.34 15.32
CA ILE B 213 5.03 -5.08 13.90
C ILE B 213 6.27 -5.86 13.43
N GLN B 214 7.35 -5.79 14.23
CA GLN B 214 8.62 -6.41 13.77
C GLN B 214 8.46 -7.90 13.73
N ILE B 215 7.70 -8.46 14.66
CA ILE B 215 7.52 -9.94 14.69
C ILE B 215 6.66 -10.38 13.52
N ALA B 216 5.60 -9.63 13.19
CA ALA B 216 4.77 -9.96 12.04
C ALA B 216 5.67 -9.89 10.80
N GLY B 217 6.57 -8.88 10.80
CA GLY B 217 7.51 -8.70 9.70
C GLY B 217 8.51 -9.83 9.50
N ARG B 218 8.57 -10.80 10.41
CA ARG B 218 9.39 -12.02 10.25
C ARG B 218 8.66 -13.14 9.55
N VAL B 219 7.53 -12.85 8.92
CA VAL B 219 6.78 -13.90 8.26
C VAL B 219 7.62 -14.62 7.19
N VAL B 220 8.37 -13.87 6.39
CA VAL B 220 9.14 -14.47 5.34
C VAL B 220 10.37 -15.22 5.94
N GLU B 221 10.98 -14.61 6.95
CA GLU B 221 12.12 -15.19 7.64
C GLU B 221 11.79 -16.54 8.25
N ASN B 222 10.58 -16.70 8.81
CA ASN B 222 10.28 -17.95 9.42
C ASN B 222 10.30 -19.06 8.33
N GLY B 223 9.84 -18.78 7.10
CA GLY B 223 9.93 -19.74 6.02
C GLY B 223 11.37 -19.97 5.57
N THR B 224 12.18 -18.90 5.34
CA THR B 224 13.52 -19.19 4.82
C THR B 224 14.30 -19.89 5.88
N TYR B 225 14.16 -19.59 7.18
CA TYR B 225 14.96 -20.30 8.14
C TYR B 225 14.50 -21.72 8.25
N LYS B 226 13.24 -22.02 8.18
CA LYS B 226 12.80 -23.44 8.25
C LYS B 226 13.35 -24.15 6.99
N MET B 227 13.29 -23.50 5.82
CA MET B 227 13.89 -24.11 4.61
C MET B 227 15.33 -24.51 4.90
N LEU B 228 16.10 -23.62 5.47
CA LEU B 228 17.54 -23.88 5.60
C LEU B 228 17.84 -24.87 6.70
N GLU B 229 17.27 -24.67 7.89
CA GLU B 229 17.71 -25.42 9.09
C GLU B 229 16.99 -26.78 9.11
N PHE B 230 15.70 -26.80 8.81
CA PHE B 230 14.89 -28.06 8.95
CA PHE B 230 14.84 -27.99 8.95
C PHE B 230 14.78 -28.84 7.67
N LEU B 231 14.58 -28.19 6.53
CA LEU B 231 14.37 -28.92 5.29
C LEU B 231 15.61 -29.13 4.50
N LYS B 232 16.69 -28.50 4.89
CA LYS B 232 17.97 -28.58 4.20
C LYS B 232 17.93 -28.18 2.73
N PHE B 233 17.07 -27.18 2.49
CA PHE B 233 16.93 -26.64 1.17
C PHE B 233 17.85 -25.47 1.02
N ASP B 234 18.52 -25.34 -0.13
CA ASP B 234 19.51 -24.25 -0.28
C ASP B 234 18.81 -22.91 -0.52
N VAL B 235 18.71 -22.04 0.49
CA VAL B 235 17.98 -20.77 0.34
C VAL B 235 18.61 -19.75 -0.60
N LYS B 236 19.83 -20.01 -1.09
CA LYS B 236 20.33 -19.15 -2.11
C LYS B 236 19.54 -19.36 -3.38
N LYS B 237 18.77 -20.42 -3.49
CA LYS B 237 17.89 -20.63 -4.61
C LYS B 237 16.61 -19.75 -4.60
N VAL B 238 16.37 -19.06 -3.47
CA VAL B 238 15.15 -18.25 -3.38
C VAL B 238 15.57 -16.88 -3.94
N VAL B 239 15.02 -16.54 -5.12
CA VAL B 239 15.41 -15.35 -5.90
C VAL B 239 14.58 -14.11 -5.46
N HIS B 240 13.30 -14.31 -5.11
CA HIS B 240 12.45 -13.21 -4.67
C HIS B 240 11.57 -13.77 -3.54
N ALA B 241 11.13 -12.93 -2.62
CA ALA B 241 10.17 -13.45 -1.62
C ALA B 241 9.30 -12.30 -1.11
N ALA B 242 8.06 -12.59 -0.74
CA ALA B 242 7.22 -11.59 -0.14
C ALA B 242 6.34 -12.29 0.85
N GLY B 243 5.71 -11.53 1.74
CA GLY B 243 4.78 -12.13 2.74
C GLY B 243 3.97 -11.07 3.45
N ILE B 244 2.95 -11.52 4.14
CA ILE B 244 2.17 -10.56 4.92
C ILE B 244 1.69 -11.28 6.17
N ALA B 245 1.63 -10.58 7.31
CA ALA B 245 1.05 -11.18 8.56
C ALA B 245 0.44 -10.08 9.39
N PRO B 246 -0.60 -10.36 10.12
CA PRO B 246 -1.25 -9.33 10.92
C PRO B 246 -0.47 -8.83 12.11
N ILE B 247 -0.70 -7.59 12.51
CA ILE B 247 -0.12 -7.04 13.73
C ILE B 247 -0.94 -7.57 14.90
N ALA B 248 -0.33 -8.38 15.74
CA ALA B 248 -0.99 -8.93 16.92
C ALA B 248 -1.39 -7.87 17.91
N PRO B 249 -2.53 -8.05 18.55
CA PRO B 249 -2.83 -7.18 19.69
C PRO B 249 -1.70 -7.24 20.72
N ILE B 250 -1.47 -6.13 21.37
CA ILE B 250 -0.39 -5.90 22.35
C ILE B 250 -0.85 -6.29 23.70
N ASP B 251 -0.18 -7.28 24.26
CA ASP B 251 -0.52 -7.79 25.58
C ASP B 251 0.61 -7.46 26.55
N PRO B 252 0.35 -6.79 27.69
CA PRO B 252 1.45 -6.34 28.56
C PRO B 252 2.20 -7.49 29.24
N ASP B 253 1.59 -8.67 29.29
CA ASP B 253 2.27 -9.88 29.86
C ASP B 253 3.27 -10.42 28.81
N GLY B 254 4.56 -10.42 29.10
CA GLY B 254 5.50 -10.81 28.04
C GLY B 254 5.32 -12.28 27.54
N LEU B 255 4.85 -13.18 28.39
CA LEU B 255 4.59 -14.54 27.98
C LEU B 255 3.44 -14.57 26.98
N LYS B 256 2.37 -13.86 27.32
CA LYS B 256 1.17 -13.73 26.42
C LYS B 256 1.53 -13.04 25.10
N ALA B 257 2.40 -11.99 25.19
CA ALA B 257 2.81 -11.24 23.97
C ALA B 257 3.62 -12.15 23.07
N MET B 258 4.49 -12.99 23.68
CA MET B 258 5.22 -13.97 22.86
C MET B 258 4.29 -14.88 22.09
N GLY B 259 3.26 -15.35 22.75
CA GLY B 259 2.26 -16.25 22.20
C GLY B 259 1.50 -15.58 21.09
N LYS B 260 0.95 -14.38 21.35
CA LYS B 260 0.08 -13.74 20.33
C LYS B 260 0.87 -13.27 19.10
N THR B 261 2.06 -12.74 19.32
CA THR B 261 2.91 -12.34 18.21
C THR B 261 3.40 -13.55 17.38
N ASN B 262 3.77 -14.67 18.05
CA ASN B 262 4.07 -15.86 17.22
C ASN B 262 2.86 -16.34 16.43
N ASP B 263 1.70 -16.28 17.10
CA ASP B 263 0.47 -16.75 16.41
C ASP B 263 0.06 -15.93 15.16
N ALA B 264 0.36 -14.63 15.25
CA ALA B 264 0.18 -13.80 14.09
C ALA B 264 0.80 -14.41 12.80
N VAL B 265 2.04 -14.90 12.93
CA VAL B 265 2.76 -15.48 11.83
C VAL B 265 2.22 -16.93 11.55
N LEU B 266 2.17 -17.72 12.61
CA LEU B 266 1.90 -19.15 12.50
C LEU B 266 0.50 -19.42 11.94
N PHE B 267 -0.47 -18.64 12.42
CA PHE B 267 -1.89 -18.81 12.01
C PHE B 267 -2.27 -17.78 10.92
N GLY B 268 -1.63 -16.60 10.93
CA GLY B 268 -2.06 -15.49 10.04
C GLY B 268 -1.15 -15.19 8.88
N GLY B 269 0.02 -15.86 8.75
CA GLY B 269 0.98 -15.40 7.78
C GLY B 269 0.82 -16.02 6.43
N ARG B 270 0.99 -15.24 5.37
CA ARG B 270 1.11 -15.75 4.01
C ARG B 270 2.49 -15.45 3.44
N THR B 271 3.06 -16.42 2.71
CA THR B 271 4.35 -16.20 2.11
C THR B 271 4.39 -16.59 0.63
N TYR B 272 5.25 -15.95 -0.12
CA TYR B 272 5.39 -16.19 -1.55
C TYR B 272 6.89 -16.25 -1.87
N TYR B 273 7.32 -17.43 -2.35
CA TYR B 273 8.75 -17.58 -2.60
C TYR B 273 8.88 -17.94 -4.12
N TYR B 274 9.87 -17.30 -4.73
CA TYR B 274 10.13 -17.51 -6.19
C TYR B 274 11.50 -18.14 -6.18
N VAL B 275 11.56 -19.42 -6.56
CA VAL B 275 12.84 -20.13 -6.42
C VAL B 275 13.30 -20.65 -7.76
N LYS B 276 14.59 -20.92 -7.82
CA LYS B 276 15.19 -21.53 -8.99
C LYS B 276 15.69 -22.92 -8.63
N SER B 277 14.85 -23.93 -8.80
CA SER B 277 15.24 -25.30 -8.47
C SER B 277 16.28 -25.82 -9.50
N GLU B 278 16.96 -26.89 -9.08
CA GLU B 278 17.93 -27.61 -9.88
C GLU B 278 17.60 -29.05 -9.88
N GLU B 279 18.26 -29.78 -10.80
CA GLU B 279 18.06 -31.22 -10.92
C GLU B 279 18.17 -31.91 -9.51
N GLY B 280 17.18 -32.76 -9.20
CA GLY B 280 17.15 -33.53 -7.94
C GLY B 280 16.39 -32.83 -6.79
N ASP B 281 16.04 -31.54 -6.99
CA ASP B 281 15.21 -30.88 -6.00
C ASP B 281 13.78 -31.36 -6.04
N ASP B 282 13.09 -31.33 -4.90
CA ASP B 282 11.69 -31.72 -4.87
C ASP B 282 10.91 -30.57 -4.29
N ILE B 283 10.63 -29.57 -5.12
CA ILE B 283 10.00 -28.32 -4.62
C ILE B 283 8.60 -28.62 -4.09
N ALA B 284 7.91 -29.60 -4.61
CA ALA B 284 6.57 -29.91 -4.12
C ALA B 284 6.62 -30.36 -2.64
N ALA B 285 7.65 -31.15 -2.32
CA ALA B 285 7.88 -31.56 -0.96
C ALA B 285 8.30 -30.40 -0.08
N VAL B 286 9.15 -29.52 -0.57
CA VAL B 286 9.55 -28.32 0.24
C VAL B 286 8.26 -27.50 0.57
N ALA B 287 7.39 -27.29 -0.42
CA ALA B 287 6.19 -26.55 -0.17
C ALA B 287 5.34 -27.28 0.84
N ALA B 288 5.12 -28.59 0.67
CA ALA B 288 4.22 -29.30 1.58
C ALA B 288 4.75 -29.35 3.05
N GLN B 289 6.08 -29.32 3.19
CA GLN B 289 6.76 -29.47 4.49
CA GLN B 289 6.63 -29.49 4.54
C GLN B 289 6.86 -28.15 5.24
N LEU B 290 6.67 -27.04 4.52
CA LEU B 290 6.98 -25.78 5.11
C LEU B 290 5.98 -25.12 6.09
N PRO B 291 4.69 -25.22 5.86
CA PRO B 291 3.75 -24.53 6.72
C PRO B 291 3.76 -24.96 8.20
N SER B 292 3.29 -24.11 9.06
CA SER B 292 3.25 -24.37 10.47
C SER B 292 2.43 -25.61 10.73
N SER B 293 1.39 -25.85 9.95
CA SER B 293 0.49 -26.99 10.25
C SER B 293 1.20 -28.34 10.04
N ALA B 294 2.37 -28.39 9.40
CA ALA B 294 3.10 -29.65 9.20
C ALA B 294 3.86 -30.07 10.45
N ALA B 295 3.91 -29.21 11.44
CA ALA B 295 4.70 -29.48 12.68
C ALA B 295 3.96 -30.35 13.66
N ASP B 296 4.72 -31.07 14.52
CA ASP B 296 4.03 -31.78 15.60
C ASP B 296 3.69 -30.77 16.74
N GLY B 297 2.56 -30.98 17.41
CA GLY B 297 2.09 -30.08 18.46
C GLY B 297 1.30 -28.90 17.90
N TYR B 298 1.19 -28.80 16.56
CA TYR B 298 0.38 -27.77 15.99
C TYR B 298 -1.13 -27.88 16.36
N GLY B 299 -1.81 -26.75 16.50
CA GLY B 299 -3.26 -26.80 16.48
C GLY B 299 -3.87 -25.95 17.58
N LYS B 300 -3.00 -25.39 18.43
CA LYS B 300 -3.38 -24.54 19.58
C LYS B 300 -2.61 -23.20 19.55
N PRO B 301 -3.20 -22.15 20.14
CA PRO B 301 -2.39 -20.96 20.37
C PRO B 301 -1.05 -21.21 21.02
N PHE B 302 -0.01 -20.55 20.56
CA PHE B 302 1.35 -20.77 21.03
C PHE B 302 1.44 -20.75 22.54
N PHE B 303 0.80 -19.77 23.20
CA PHE B 303 0.86 -19.71 24.63
C PHE B 303 0.44 -21.08 25.22
N ASP B 304 -0.58 -21.70 24.65
CA ASP B 304 -1.04 -22.97 25.17
C ASP B 304 -0.13 -24.16 24.87
N VAL B 305 0.47 -24.15 23.70
CA VAL B 305 1.48 -25.08 23.32
C VAL B 305 2.67 -24.96 24.29
N PHE B 306 3.12 -23.75 24.57
CA PHE B 306 4.33 -23.49 25.41
C PHE B 306 4.00 -23.93 26.82
N LYS B 307 2.78 -23.73 27.25
CA LYS B 307 2.26 -24.14 28.57
C LYS B 307 2.25 -25.65 28.64
N ASP B 308 1.54 -26.31 27.72
CA ASP B 308 1.58 -27.81 27.67
C ASP B 308 3.02 -28.35 27.77
N ALA B 309 3.96 -27.67 27.14
CA ALA B 309 5.37 -28.04 27.14
C ALA B 309 6.15 -27.68 28.42
N GLY B 310 5.48 -27.15 29.44
CA GLY B 310 6.18 -26.78 30.68
C GLY B 310 7.08 -25.57 30.46
N PHE B 311 6.68 -24.67 29.56
CA PHE B 311 7.43 -23.42 29.28
C PHE B 311 8.90 -23.75 28.91
N ASP B 312 9.07 -24.92 28.28
CA ASP B 312 10.37 -25.46 27.92
C ASP B 312 10.48 -25.77 26.38
N PHE B 313 11.47 -25.19 25.69
CA PHE B 313 11.59 -25.35 24.21
C PHE B 313 11.94 -26.77 23.71
N TYR B 314 12.53 -27.61 24.58
CA TYR B 314 12.90 -29.01 24.30
C TYR B 314 11.65 -29.81 24.02
N GLN B 315 10.50 -29.28 24.47
CA GLN B 315 9.27 -30.02 24.34
C GLN B 315 8.53 -29.48 23.12
N ILE B 316 9.12 -28.48 22.41
CA ILE B 316 8.47 -27.85 21.28
C ILE B 316 9.14 -28.18 19.94
N ASP B 317 8.34 -28.61 18.98
CA ASP B 317 8.80 -28.73 17.61
C ASP B 317 9.06 -27.34 17.00
N LYS B 318 10.32 -27.01 16.77
CA LYS B 318 10.62 -25.66 16.27
C LYS B 318 10.19 -25.43 14.78
N GLY B 319 9.93 -26.53 14.07
CA GLY B 319 9.25 -26.51 12.75
C GLY B 319 7.87 -25.86 12.83
N MET B 320 7.31 -25.63 14.02
CA MET B 320 6.02 -24.97 14.14
CA MET B 320 6.01 -24.96 14.10
C MET B 320 6.18 -23.47 13.81
N PHE B 321 7.42 -23.00 13.92
CA PHE B 321 7.69 -21.59 13.64
C PHE B 321 7.81 -21.48 12.15
N ALA B 322 6.68 -21.13 11.51
CA ALA B 322 6.61 -21.08 10.08
C ALA B 322 5.37 -20.38 9.75
N PRO B 323 5.31 -19.88 8.48
CA PRO B 323 4.06 -19.25 8.04
C PRO B 323 2.88 -20.16 7.98
N ALA B 324 1.66 -19.63 8.08
CA ALA B 324 0.45 -20.41 7.93
C ALA B 324 0.32 -20.98 6.54
N GLU B 325 0.56 -20.12 5.56
CA GLU B 325 0.36 -20.49 4.16
C GLU B 325 1.65 -20.23 3.39
N VAL B 326 1.96 -21.14 2.48
CA VAL B 326 3.18 -21.04 1.73
C VAL B 326 2.78 -21.22 0.24
N VAL B 327 3.19 -20.24 -0.60
CA VAL B 327 3.06 -20.38 -2.03
C VAL B 327 4.49 -20.27 -2.65
N ILE B 328 4.82 -21.25 -3.51
CA ILE B 328 6.15 -21.33 -4.12
C ILE B 328 6.00 -21.38 -5.66
N ASN B 329 6.63 -20.44 -6.34
CA ASN B 329 6.72 -20.53 -7.82
C ASN B 329 8.13 -20.98 -8.13
N ASP B 330 8.25 -22.11 -8.84
CA ASP B 330 9.55 -22.55 -9.29
C ASP B 330 9.85 -22.03 -10.66
N LEU B 331 10.74 -21.07 -10.78
CA LEU B 331 11.00 -20.48 -12.06
C LEU B 331 11.63 -21.45 -13.03
N THR B 332 12.23 -22.51 -12.51
CA THR B 332 12.88 -23.47 -13.41
C THR B 332 11.83 -24.25 -14.22
N THR B 333 10.66 -24.56 -13.64
CA THR B 333 9.64 -25.40 -14.26
C THR B 333 8.35 -24.62 -14.59
N GLY B 334 8.15 -23.43 -13.96
CA GLY B 334 6.86 -22.74 -14.12
C GLY B 334 5.81 -23.23 -13.17
N LYS B 335 6.12 -24.21 -12.29
CA LYS B 335 5.12 -24.74 -11.37
C LYS B 335 4.80 -23.74 -10.26
N LEU B 336 3.57 -23.79 -9.83
CA LEU B 336 3.07 -23.04 -8.66
C LEU B 336 2.55 -24.08 -7.66
N TYR B 337 2.98 -23.91 -6.37
CA TYR B 337 2.55 -24.75 -5.28
C TYR B 337 1.95 -23.90 -4.20
N LYS B 338 0.88 -24.37 -3.59
CA LYS B 338 0.25 -23.68 -2.49
C LYS B 338 -0.06 -24.67 -1.40
N GLU B 339 0.44 -24.41 -0.21
CA GLU B 339 0.27 -25.39 0.90
C GLU B 339 -0.11 -24.63 2.15
N GLY B 340 -0.63 -25.31 3.15
CA GLY B 340 -1.09 -24.56 4.32
C GLY B 340 -2.29 -23.71 3.97
N PHE B 341 -2.65 -22.87 4.91
CA PHE B 341 -3.71 -21.84 4.80
C PHE B 341 -3.74 -21.05 6.05
N VAL B 342 -4.23 -19.82 5.95
CA VAL B 342 -4.42 -19.00 7.11
C VAL B 342 -5.61 -19.53 7.88
N ASN B 343 -5.41 -19.65 9.20
CA ASN B 343 -6.43 -20.23 10.04
C ASN B 343 -7.06 -19.11 10.92
N ALA B 344 -8.15 -18.51 10.41
CA ALA B 344 -8.74 -17.41 11.13
C ALA B 344 -9.33 -17.85 12.48
N GLU B 345 -9.85 -19.09 12.61
CA GLU B 345 -10.45 -19.56 13.88
C GLU B 345 -9.34 -19.59 14.93
N LEU B 346 -8.18 -20.14 14.58
CA LEU B 346 -7.09 -20.25 15.59
C LEU B 346 -6.52 -18.87 15.89
N LEU B 347 -6.42 -17.96 14.91
CA LEU B 347 -5.99 -16.60 15.20
C LEU B 347 -6.93 -15.86 16.18
N LYS B 348 -8.26 -16.05 15.96
CA LYS B 348 -9.21 -15.38 16.82
C LYS B 348 -9.12 -16.01 18.23
N LYS B 349 -8.98 -17.35 18.28
CA LYS B 349 -8.82 -18.00 19.61
C LYS B 349 -7.60 -17.39 20.31
N SER B 350 -6.48 -17.30 19.59
CA SER B 350 -5.30 -16.73 20.20
C SER B 350 -5.54 -15.31 20.78
N PHE B 351 -6.26 -14.49 19.99
CA PHE B 351 -6.38 -13.10 20.34
C PHE B 351 -7.58 -12.87 21.29
N GLY B 352 -8.40 -13.89 21.55
CA GLY B 352 -9.46 -13.75 22.50
C GLY B 352 -10.78 -13.18 21.99
N ILE B 353 -11.05 -13.34 20.72
CA ILE B 353 -12.30 -12.91 20.25
C ILE B 353 -13.04 -14.10 19.58
N GLU B 354 -14.36 -13.95 19.55
CA GLU B 354 -15.27 -14.89 18.88
C GLU B 354 -15.29 -14.58 17.35
N VAL C 35 1.80 18.09 -21.15
CA VAL C 35 2.70 17.13 -20.49
C VAL C 35 3.40 16.12 -21.44
N SER C 36 4.70 16.04 -21.28
CA SER C 36 5.53 15.20 -22.10
C SER C 36 5.68 13.83 -21.42
N VAL C 37 5.17 12.78 -22.08
CA VAL C 37 5.36 11.42 -21.53
C VAL C 37 6.79 11.00 -21.57
N ASN C 38 7.57 11.39 -22.59
CA ASN C 38 9.00 11.05 -22.51
C ASN C 38 9.72 11.77 -21.39
N LEU C 39 9.51 13.09 -21.27
CA LEU C 39 10.25 13.81 -20.22
C LEU C 39 9.80 13.27 -18.84
N GLU C 40 8.52 12.98 -18.68
CA GLU C 40 8.03 12.54 -17.35
C GLU C 40 8.60 11.11 -17.08
N ALA C 41 8.53 10.21 -18.07
CA ALA C 41 9.03 8.84 -17.81
C ALA C 41 10.53 8.88 -17.53
N LYS C 42 11.25 9.86 -18.11
CA LYS C 42 12.73 9.96 -17.88
C LYS C 42 13.08 10.08 -16.39
N LYS C 43 12.18 10.69 -15.64
CA LYS C 43 12.36 10.78 -14.19
C LYS C 43 12.51 9.41 -13.56
N THR C 44 11.68 8.48 -14.01
CA THR C 44 11.75 7.13 -13.50
C THR C 44 12.92 6.37 -14.09
N VAL C 45 13.16 6.57 -15.39
CA VAL C 45 14.36 5.94 -15.98
C VAL C 45 15.61 6.32 -15.21
N ASP C 46 15.71 7.63 -14.86
CA ASP C 46 16.90 8.01 -14.11
C ASP C 46 17.06 7.28 -12.79
N VAL C 47 15.94 7.01 -12.07
CA VAL C 47 16.00 6.24 -10.81
C VAL C 47 16.44 4.81 -11.16
N MET C 48 15.89 4.24 -12.24
CA MET C 48 16.27 2.86 -12.57
C MET C 48 17.78 2.74 -12.86
N ILE C 49 18.31 3.73 -13.55
CA ILE C 49 19.72 3.80 -13.87
C ILE C 49 20.55 3.89 -12.60
N GLU C 50 20.18 4.85 -11.72
CA GLU C 50 21.01 5.14 -10.54
CA GLU C 50 20.98 5.14 -10.54
C GLU C 50 21.01 3.93 -9.62
N LYS C 51 19.86 3.26 -9.54
CA LYS C 51 19.67 2.18 -8.58
C LYS C 51 19.77 0.82 -9.19
N ALA C 52 20.41 0.74 -10.36
CA ALA C 52 20.39 -0.49 -11.14
C ALA C 52 20.86 -1.69 -10.30
N ASP C 53 21.98 -1.53 -9.57
CA ASP C 53 22.45 -2.67 -8.82
C ASP C 53 21.46 -3.07 -7.70
N ASP C 54 20.85 -2.09 -7.04
CA ASP C 54 19.88 -2.38 -6.02
C ASP C 54 18.60 -3.08 -6.56
N LEU C 55 18.28 -2.88 -7.85
CA LEU C 55 17.10 -3.41 -8.52
C LEU C 55 17.38 -4.67 -9.30
N ASN C 56 18.61 -5.20 -9.28
CA ASN C 56 18.99 -6.38 -10.04
C ASN C 56 18.69 -6.22 -11.54
N ILE C 57 19.01 -5.05 -12.06
CA ILE C 57 18.93 -4.81 -13.49
C ILE C 57 20.28 -4.35 -14.04
N ALA C 58 20.44 -4.41 -15.36
CA ALA C 58 21.78 -4.07 -15.93
C ALA C 58 21.62 -3.00 -16.97
N VAL C 59 22.40 -1.93 -16.82
CA VAL C 59 22.38 -0.82 -17.78
C VAL C 59 23.59 -0.94 -18.67
N SER C 60 23.41 -0.90 -20.01
CA SER C 60 24.54 -0.85 -20.92
C SER C 60 24.39 0.30 -21.89
N LYS C 61 25.48 0.77 -22.40
CA LYS C 61 25.49 1.75 -23.47
C LYS C 61 25.97 1.11 -24.73
N LEU C 62 25.20 1.30 -25.79
CA LEU C 62 25.66 0.82 -27.10
C LEU C 62 26.70 1.79 -27.72
N GLU C 63 27.41 1.34 -28.74
CA GLU C 63 28.45 2.22 -29.27
C GLU C 63 27.87 3.45 -29.87
N ASN C 64 26.62 3.41 -30.33
CA ASN C 64 25.98 4.61 -30.83
C ASN C 64 25.41 5.53 -29.72
N GLY C 65 25.56 5.09 -28.47
CA GLY C 65 25.14 5.98 -27.38
C GLY C 65 23.77 5.67 -26.84
N ALA C 66 23.02 4.76 -27.50
CA ALA C 66 21.74 4.38 -26.90
C ALA C 66 21.98 3.56 -25.62
N THR C 67 20.96 3.63 -24.72
CA THR C 67 21.00 2.94 -23.43
C THR C 67 20.04 1.76 -23.49
N VAL C 68 20.50 0.59 -23.06
CA VAL C 68 19.68 -0.59 -22.92
C VAL C 68 19.66 -0.90 -21.41
N ILE C 69 18.41 -1.05 -20.94
CA ILE C 69 18.23 -1.44 -19.55
C ILE C 69 17.63 -2.83 -19.47
N ASP C 70 18.47 -3.84 -19.15
CA ASP C 70 18.00 -5.20 -19.15
C ASP C 70 17.33 -5.43 -17.80
N CYS C 71 16.01 -5.70 -17.81
CA CYS C 71 15.23 -5.94 -16.59
C CYS C 71 14.80 -7.39 -16.45
N GLY C 72 15.35 -8.30 -17.32
CA GLY C 72 15.00 -9.70 -17.11
C GLY C 72 15.64 -10.70 -18.03
N VAL C 73 16.47 -10.29 -19.04
CA VAL C 73 17.02 -11.25 -20.01
C VAL C 73 18.14 -12.04 -19.33
N ASN C 74 19.15 -11.33 -18.87
CA ASN C 74 20.30 -11.98 -18.24
C ASN C 74 20.38 -11.69 -16.77
N VAL C 75 19.37 -11.03 -16.19
CA VAL C 75 19.35 -10.54 -14.80
C VAL C 75 18.06 -10.95 -14.19
N ALA C 76 17.95 -10.91 -12.87
CA ALA C 76 16.73 -11.39 -12.23
C ALA C 76 15.61 -10.35 -12.21
N GLY C 77 16.01 -9.08 -12.28
CA GLY C 77 15.09 -7.98 -11.97
C GLY C 77 14.60 -8.13 -10.55
N SER C 78 13.51 -7.45 -10.23
CA SER C 78 13.03 -7.34 -8.86
C SER C 78 11.59 -6.80 -8.82
N PHE C 79 10.98 -6.82 -7.67
CA PHE C 79 9.65 -6.22 -7.57
C PHE C 79 9.70 -4.75 -7.93
N LYS C 80 10.63 -4.01 -7.38
CA LYS C 80 10.68 -2.59 -7.65
C LYS C 80 11.09 -2.33 -9.07
N ALA C 81 12.00 -3.10 -9.67
CA ALA C 81 12.21 -2.88 -11.13
C ALA C 81 10.95 -3.07 -11.89
N GLY C 82 10.14 -4.06 -11.57
CA GLY C 82 8.94 -4.26 -12.39
C GLY C 82 7.98 -3.08 -12.14
N GLU C 83 7.83 -2.59 -10.94
CA GLU C 83 6.98 -1.47 -10.68
C GLU C 83 7.44 -0.26 -11.51
N LEU C 84 8.74 0.04 -11.54
CA LEU C 84 9.26 1.22 -12.21
C LEU C 84 9.16 1.00 -13.73
N TYR C 85 9.43 -0.18 -14.22
CA TYR C 85 9.24 -0.49 -15.66
C TYR C 85 7.80 -0.18 -16.08
N THR C 86 6.87 -0.59 -15.24
CA THR C 86 5.45 -0.42 -15.61
C THR C 86 5.15 1.10 -15.53
N LYS C 87 5.67 1.86 -14.60
CA LYS C 87 5.45 3.28 -14.54
C LYS C 87 6.02 3.98 -15.80
N VAL C 88 7.17 3.49 -16.30
CA VAL C 88 7.76 4.05 -17.51
C VAL C 88 6.84 3.72 -18.67
N CYS C 89 6.31 2.47 -18.72
CA CYS C 89 5.30 2.16 -19.79
C CYS C 89 4.15 3.14 -19.82
N LEU C 90 3.70 3.59 -18.65
CA LEU C 90 2.54 4.52 -18.49
C LEU C 90 3.01 6.00 -18.66
N GLY C 91 4.21 6.21 -19.13
CA GLY C 91 4.65 7.58 -19.39
C GLY C 91 4.82 8.38 -18.14
N GLY C 92 5.05 7.77 -17.01
CA GLY C 92 5.16 8.48 -15.75
C GLY C 92 3.85 9.08 -15.28
N LEU C 93 2.71 8.83 -16.00
CA LEU C 93 1.48 9.54 -15.73
C LEU C 93 0.52 8.62 -14.97
N ALA C 94 1.04 7.71 -14.15
CA ALA C 94 0.24 6.84 -13.32
C ALA C 94 1.13 6.55 -12.10
N ASP C 95 0.52 6.11 -10.99
CA ASP C 95 1.22 5.53 -9.88
C ASP C 95 1.04 4.04 -10.00
N VAL C 96 2.13 3.37 -9.71
CA VAL C 96 2.15 1.89 -9.71
C VAL C 96 2.68 1.38 -8.37
N GLY C 97 2.03 0.33 -7.85
CA GLY C 97 2.43 -0.29 -6.59
C GLY C 97 2.34 -1.80 -6.73
N ILE C 98 3.12 -2.45 -5.88
CA ILE C 98 2.99 -3.88 -5.71
C ILE C 98 2.47 -4.19 -4.31
N SER C 99 1.26 -4.69 -4.24
CA SER C 99 0.68 -4.97 -2.98
C SER C 99 0.78 -6.43 -2.70
N ILE C 100 0.87 -6.71 -1.42
CA ILE C 100 0.89 -8.06 -0.99
C ILE C 100 -0.41 -8.17 -0.26
N PRO C 101 -1.40 -8.62 -1.03
CA PRO C 101 -2.73 -8.85 -0.55
C PRO C 101 -2.64 -10.16 0.19
N GLY C 102 -3.70 -10.53 0.85
CA GLY C 102 -3.69 -11.77 1.60
C GLY C 102 -4.39 -11.61 2.92
N ASP C 103 -5.71 -11.71 2.88
CA ASP C 103 -6.50 -11.50 4.04
C ASP C 103 -6.58 -12.72 4.91
N LEU C 104 -7.37 -12.65 5.94
CA LEU C 104 -7.37 -13.69 6.94
C LEU C 104 -8.42 -14.79 6.67
N SER C 105 -8.17 -15.53 5.59
CA SER C 105 -9.13 -16.54 5.19
C SER C 105 -8.42 -17.52 4.33
N GLU C 106 -9.09 -18.60 3.99
CA GLU C 106 -8.51 -19.59 3.14
C GLU C 106 -8.48 -19.17 1.66
N LYS C 107 -9.01 -18.01 1.35
CA LYS C 107 -9.08 -17.61 -0.06
C LYS C 107 -7.69 -17.51 -0.70
N PHE C 108 -7.54 -17.98 -1.96
CA PHE C 108 -6.32 -17.70 -2.74
C PHE C 108 -6.00 -16.16 -2.84
N ALA C 109 -4.74 -15.78 -2.67
CA ALA C 109 -4.24 -14.39 -2.76
C ALA C 109 -2.84 -14.47 -3.36
N LEU C 110 -2.50 -13.45 -4.15
CA LEU C 110 -1.18 -13.37 -4.76
C LEU C 110 -0.68 -11.91 -4.67
N PRO C 111 0.65 -11.71 -4.65
CA PRO C 111 1.22 -10.38 -4.93
C PRO C 111 0.59 -9.82 -6.20
N SER C 112 0.23 -8.53 -6.16
CA SER C 112 -0.55 -7.93 -7.21
C SER C 112 -0.01 -6.53 -7.54
N VAL C 113 -0.30 -6.12 -8.78
CA VAL C 113 0.12 -4.79 -9.29
C VAL C 113 -1.08 -3.90 -9.31
N LYS C 114 -0.99 -2.72 -8.65
CA LYS C 114 -2.11 -1.75 -8.65
CA LYS C 114 -2.11 -1.78 -8.65
C LYS C 114 -1.70 -0.55 -9.42
N ILE C 115 -2.65 0.03 -10.12
CA ILE C 115 -2.44 1.22 -10.95
C ILE C 115 -3.46 2.28 -10.57
N LYS C 116 -2.98 3.53 -10.52
CA LYS C 116 -3.89 4.66 -10.38
C LYS C 116 -3.47 5.70 -11.41
N THR C 117 -4.40 6.24 -12.18
CA THR C 117 -4.04 7.29 -13.12
C THR C 117 -5.12 8.34 -13.23
N ASP C 118 -4.67 9.58 -13.36
CA ASP C 118 -5.56 10.72 -13.61
C ASP C 118 -5.39 11.25 -15.01
N PHE C 119 -4.65 10.50 -15.83
CA PHE C 119 -4.46 10.86 -17.27
C PHE C 119 -4.77 9.58 -18.01
N PRO C 120 -6.01 9.10 -18.01
CA PRO C 120 -6.16 7.65 -18.31
C PRO C 120 -5.93 7.32 -19.79
N ALA C 121 -6.48 8.06 -20.72
CA ALA C 121 -6.21 7.79 -22.14
C ALA C 121 -4.77 8.04 -22.46
N ILE C 122 -4.15 9.14 -22.05
CA ILE C 122 -2.76 9.45 -22.40
C ILE C 122 -1.80 8.36 -21.81
N SER C 123 -1.95 8.02 -20.54
CA SER C 123 -1.05 7.05 -19.97
CA SER C 123 -1.08 7.04 -19.91
C SER C 123 -1.23 5.66 -20.52
N THR C 124 -2.47 5.23 -20.65
CA THR C 124 -2.63 3.79 -21.04
C THR C 124 -2.60 3.54 -22.54
N LEU C 125 -3.05 4.49 -23.36
CA LEU C 125 -3.12 4.36 -24.82
C LEU C 125 -2.04 5.19 -25.48
N GLY C 126 -1.75 6.36 -25.00
CA GLY C 126 -0.71 7.20 -25.55
C GLY C 126 0.68 6.70 -25.25
N ALA C 127 0.78 5.88 -24.20
CA ALA C 127 2.09 5.32 -23.80
C ALA C 127 2.11 3.82 -23.59
N GLN C 128 1.26 3.32 -22.69
CA GLN C 128 1.42 1.94 -22.26
C GLN C 128 1.15 0.91 -23.35
N LYS C 129 0.08 1.09 -24.11
CA LYS C 129 -0.30 0.07 -25.09
C LYS C 129 0.84 -0.34 -25.97
N ALA C 130 1.01 -1.65 -26.17
CA ALA C 130 2.19 -2.16 -26.93
C ALA C 130 1.84 -2.08 -28.42
N GLY C 131 1.75 -0.83 -28.93
CA GLY C 131 1.18 -0.53 -30.25
C GLY C 131 2.17 -0.48 -31.37
N TRP C 132 3.45 -0.64 -31.13
CA TRP C 132 4.51 -0.56 -32.11
C TRP C 132 5.14 -1.93 -32.36
N SER C 133 4.96 -2.46 -33.58
CA SER C 133 5.59 -3.71 -33.95
CA SER C 133 5.59 -3.74 -33.87
C SER C 133 7.05 -3.39 -34.28
N VAL C 134 8.03 -3.81 -33.52
CA VAL C 134 9.46 -3.55 -33.77
C VAL C 134 10.06 -4.78 -34.40
N SER C 135 10.43 -4.68 -35.67
CA SER C 135 10.97 -5.87 -36.36
CA SER C 135 10.96 -5.84 -36.43
C SER C 135 12.19 -5.37 -37.13
N VAL C 136 13.37 -5.80 -36.67
CA VAL C 136 14.64 -5.35 -37.22
C VAL C 136 15.54 -6.57 -37.20
N GLY C 137 15.97 -7.08 -38.32
CA GLY C 137 16.73 -8.31 -38.35
C GLY C 137 15.94 -9.43 -37.76
N ASP C 138 16.52 -10.16 -36.77
CA ASP C 138 15.70 -11.20 -36.16
C ASP C 138 15.22 -10.82 -34.76
N PHE C 139 15.21 -9.49 -34.49
CA PHE C 139 14.58 -8.93 -33.30
C PHE C 139 13.12 -8.60 -33.62
N PHE C 140 12.22 -9.30 -32.95
CA PHE C 140 10.84 -8.94 -33.06
C PHE C 140 10.24 -8.74 -31.68
N ALA C 141 9.58 -7.61 -31.48
CA ALA C 141 8.92 -7.40 -30.19
C ALA C 141 7.87 -6.30 -30.33
N LEU C 142 6.88 -6.34 -29.46
CA LEU C 142 6.03 -5.18 -29.35
C LEU C 142 6.61 -4.18 -28.39
N GLY C 143 6.64 -2.94 -28.83
CA GLY C 143 7.21 -1.78 -28.14
C GLY C 143 6.04 -1.01 -27.52
N SER C 144 6.26 -0.71 -26.27
CA SER C 144 5.31 0.00 -25.43
C SER C 144 6.02 1.25 -24.86
N GLY C 145 5.28 2.21 -24.35
CA GLY C 145 5.84 3.38 -23.71
C GLY C 145 5.88 4.68 -24.47
N PRO C 146 6.52 5.68 -23.88
CA PRO C 146 6.37 7.04 -24.36
C PRO C 146 6.91 7.30 -25.73
N ALA C 147 7.93 6.53 -26.18
CA ALA C 147 8.43 6.75 -27.53
C ALA C 147 7.32 6.59 -28.56
N ARG C 148 6.27 5.84 -28.24
CA ARG C 148 5.15 5.67 -29.17
C ARG C 148 4.44 6.99 -29.50
N ALA C 149 4.57 7.98 -28.61
CA ALA C 149 3.91 9.27 -28.77
C ALA C 149 4.78 10.19 -29.60
N LEU C 150 6.00 9.77 -29.95
CA LEU C 150 6.83 10.53 -30.94
C LEU C 150 6.75 9.90 -32.31
N SER C 151 6.79 8.60 -32.39
CA SER C 151 6.66 7.90 -33.67
C SER C 151 5.23 7.77 -34.15
N LEU C 152 4.28 8.05 -33.25
CA LEU C 152 2.85 7.99 -33.48
C LEU C 152 2.43 6.64 -33.93
N LYS C 153 2.72 5.63 -33.11
CA LYS C 153 2.42 4.23 -33.43
C LYS C 153 1.27 3.65 -32.61
N PRO C 154 0.13 3.37 -33.16
CA PRO C 154 -0.32 3.74 -34.51
C PRO C 154 -0.94 5.13 -34.60
N ALA C 155 -1.18 5.63 -35.81
CA ALA C 155 -1.57 7.04 -35.91
C ALA C 155 -2.93 7.30 -35.36
N GLU C 156 -3.83 6.36 -35.52
CA GLU C 156 -5.26 6.57 -35.14
CA GLU C 156 -5.25 6.62 -35.17
C GLU C 156 -5.38 6.74 -33.66
N THR C 157 -4.52 6.09 -32.87
CA THR C 157 -4.69 6.23 -31.41
C THR C 157 -4.45 7.66 -31.03
N TYR C 158 -3.45 8.29 -31.61
CA TYR C 158 -3.08 9.67 -31.22
C TYR C 158 -4.06 10.73 -31.68
N GLU C 159 -4.73 10.43 -32.78
CA GLU C 159 -5.87 11.25 -33.22
C GLU C 159 -7.04 11.12 -32.25
N GLU C 160 -7.38 9.89 -31.86
CA GLU C 160 -8.57 9.63 -31.03
C GLU C 160 -8.37 10.14 -29.59
N ILE C 161 -7.13 10.19 -29.05
CA ILE C 161 -6.93 10.67 -27.69
C ILE C 161 -6.48 12.13 -27.66
N ASP C 162 -6.31 12.70 -28.84
CA ASP C 162 -5.84 14.06 -28.94
C ASP C 162 -4.59 14.41 -28.14
N TYR C 163 -3.52 13.63 -28.40
CA TYR C 163 -2.26 13.86 -27.70
C TYR C 163 -1.17 13.51 -28.66
N LYS C 164 -0.06 14.25 -28.58
CA LYS C 164 1.20 13.80 -29.23
C LYS C 164 2.27 14.41 -28.33
N ASP C 165 3.44 13.79 -28.26
CA ASP C 165 4.54 14.31 -27.51
C ASP C 165 5.47 15.14 -28.40
N GLU C 166 6.28 15.93 -27.74
CA GLU C 166 7.37 16.69 -28.34
C GLU C 166 8.57 16.57 -27.38
N ALA C 167 9.63 15.94 -27.82
CA ALA C 167 10.73 15.68 -26.95
C ALA C 167 12.02 15.40 -27.71
N ASP C 168 13.15 15.51 -27.00
CA ASP C 168 14.40 15.23 -27.73
C ASP C 168 15.04 13.91 -27.23
N LEU C 169 14.29 13.13 -26.45
CA LEU C 169 14.69 11.74 -26.11
C LEU C 169 13.49 10.84 -26.29
N ALA C 170 13.79 9.54 -26.38
CA ALA C 170 12.72 8.57 -26.60
C ALA C 170 12.96 7.35 -25.72
N ILE C 171 11.91 6.92 -25.04
CA ILE C 171 11.98 5.82 -24.11
C ILE C 171 10.98 4.75 -24.51
N LEU C 172 11.46 3.53 -24.83
CA LEU C 172 10.57 2.47 -25.24
C LEU C 172 10.79 1.26 -24.36
N THR C 173 9.75 0.49 -24.04
CA THR C 173 9.90 -0.80 -23.34
C THR C 173 9.54 -1.88 -24.30
N LEU C 174 10.20 -3.00 -24.13
CA LEU C 174 10.10 -4.10 -25.06
C LEU C 174 10.02 -5.43 -24.32
N GLU C 175 9.01 -6.17 -24.68
CA GLU C 175 8.76 -7.55 -24.17
C GLU C 175 9.45 -8.49 -25.13
N ALA C 176 10.64 -8.93 -24.72
CA ALA C 176 11.50 -9.71 -25.65
C ALA C 176 12.38 -10.62 -24.82
N ASP C 177 12.88 -11.66 -25.49
CA ASP C 177 13.73 -12.67 -24.83
C ASP C 177 15.20 -12.44 -25.03
N VAL C 178 15.57 -11.44 -25.80
CA VAL C 178 16.94 -11.06 -26.08
C VAL C 178 17.10 -9.57 -26.04
N LEU C 179 18.29 -9.06 -25.88
CA LEU C 179 18.48 -7.60 -25.81
C LEU C 179 18.58 -7.08 -27.24
N PRO C 180 18.00 -5.88 -27.46
CA PRO C 180 18.16 -5.19 -28.79
C PRO C 180 19.54 -4.59 -28.96
N GLY C 181 19.99 -4.54 -30.23
CA GLY C 181 21.25 -3.95 -30.46
C GLY C 181 21.15 -2.65 -31.21
N GLU C 182 22.23 -2.22 -31.82
CA GLU C 182 22.37 -0.87 -32.36
C GLU C 182 21.41 -0.55 -33.50
N ASP C 183 21.14 -1.54 -34.34
CA ASP C 183 20.20 -1.35 -35.44
C ASP C 183 18.80 -1.09 -34.91
N VAL C 184 18.35 -1.81 -33.86
CA VAL C 184 17.03 -1.60 -33.31
C VAL C 184 16.98 -0.19 -32.72
N ALA C 185 18.00 0.16 -31.94
CA ALA C 185 18.03 1.53 -31.34
C ALA C 185 17.99 2.64 -32.45
N GLN C 186 18.73 2.40 -33.51
CA GLN C 186 18.77 3.44 -34.61
C GLN C 186 17.42 3.51 -35.35
N TYR C 187 16.72 2.41 -35.56
CA TYR C 187 15.38 2.41 -36.12
C TYR C 187 14.45 3.16 -35.22
N ILE C 188 14.47 2.90 -33.92
CA ILE C 188 13.59 3.66 -33.00
C ILE C 188 13.91 5.14 -33.12
N ALA C 189 15.18 5.50 -33.03
CA ALA C 189 15.61 6.90 -33.06
C ALA C 189 15.07 7.61 -34.30
N ASP C 190 15.23 6.97 -35.45
CA ASP C 190 14.80 7.60 -36.66
C ASP C 190 13.24 7.76 -36.69
N GLU C 191 12.53 6.72 -36.27
CA GLU C 191 11.03 6.78 -36.26
C GLU C 191 10.57 7.88 -35.30
N CYS C 192 11.32 8.06 -34.19
CA CYS C 192 10.87 9.06 -33.21
C CYS C 192 11.43 10.46 -33.46
N GLY C 193 12.30 10.63 -34.45
CA GLY C 193 12.84 11.95 -34.70
C GLY C 193 13.83 12.46 -33.69
N VAL C 194 14.53 11.56 -33.01
CA VAL C 194 15.52 11.89 -32.02
C VAL C 194 16.89 11.34 -32.42
N ASP C 195 17.93 11.83 -31.78
CA ASP C 195 19.26 11.28 -31.94
C ASP C 195 19.30 9.93 -31.22
N VAL C 196 19.99 8.95 -31.83
CA VAL C 196 20.02 7.60 -31.23
C VAL C 196 20.72 7.64 -29.85
N ALA C 197 21.60 8.61 -29.64
CA ALA C 197 22.24 8.80 -28.34
C ALA C 197 21.26 9.18 -27.23
N ASN C 198 20.04 9.55 -27.61
CA ASN C 198 19.03 9.93 -26.64
C ASN C 198 17.91 8.88 -26.62
N VAL C 199 18.21 7.65 -27.04
CA VAL C 199 17.20 6.55 -26.96
C VAL C 199 17.49 5.67 -25.71
N PHE C 200 16.41 5.26 -25.03
CA PHE C 200 16.52 4.38 -23.89
C PHE C 200 15.55 3.24 -24.15
N LEU C 201 16.06 2.01 -24.10
CA LEU C 201 15.28 0.76 -24.27
C LEU C 201 15.27 -0.03 -22.99
N LEU C 202 14.07 -0.31 -22.50
CA LEU C 202 13.96 -1.18 -21.28
C LEU C 202 13.50 -2.51 -21.83
N VAL C 203 14.05 -3.66 -21.36
CA VAL C 203 13.66 -4.94 -21.95
CA VAL C 203 13.63 -4.92 -21.97
C VAL C 203 13.45 -6.01 -20.89
N ALA C 204 12.40 -6.77 -21.00
CA ALA C 204 12.26 -7.98 -20.15
C ALA C 204 11.46 -9.04 -20.85
N PRO C 205 11.79 -10.31 -20.66
CA PRO C 205 11.00 -11.33 -21.31
C PRO C 205 9.59 -11.47 -20.69
N THR C 206 8.66 -11.99 -21.47
CA THR C 206 7.37 -12.38 -20.89
C THR C 206 7.61 -13.27 -19.63
N ALA C 207 8.49 -14.26 -19.82
CA ALA C 207 8.84 -15.21 -18.74
C ALA C 207 9.89 -14.66 -17.77
N SER C 208 9.52 -13.62 -17.01
CA SER C 208 10.42 -13.03 -16.00
C SER C 208 9.50 -12.34 -14.96
N LEU C 209 10.01 -12.08 -13.77
CA LEU C 209 9.25 -11.34 -12.77
C LEU C 209 8.81 -10.00 -13.36
N VAL C 210 9.73 -9.26 -13.98
CA VAL C 210 9.27 -7.96 -14.56
C VAL C 210 8.23 -8.18 -15.61
N GLY C 211 8.34 -9.20 -16.45
CA GLY C 211 7.25 -9.50 -17.43
C GLY C 211 5.92 -9.73 -16.77
N SER C 212 5.89 -10.60 -15.72
CA SER C 212 4.60 -10.83 -15.05
C SER C 212 4.05 -9.50 -14.50
N ILE C 213 4.91 -8.69 -13.90
CA ILE C 213 4.46 -7.44 -13.27
C ILE C 213 3.92 -6.49 -14.33
N GLN C 214 4.71 -6.27 -15.38
CA GLN C 214 4.32 -5.23 -16.34
C GLN C 214 3.06 -5.67 -17.08
N ILE C 215 2.83 -6.96 -17.32
CA ILE C 215 1.62 -7.39 -17.97
C ILE C 215 0.41 -7.28 -17.03
N ALA C 216 0.60 -7.65 -15.74
CA ALA C 216 -0.52 -7.42 -14.79
C ALA C 216 -0.82 -5.93 -14.73
N GLY C 217 0.18 -5.07 -14.84
CA GLY C 217 0.00 -3.61 -14.86
C GLY C 217 -0.80 -3.09 -16.00
N ARG C 218 -1.07 -3.90 -16.98
CA ARG C 218 -1.93 -3.50 -18.14
C ARG C 218 -3.40 -3.69 -17.88
N VAL C 219 -3.74 -3.99 -16.62
CA VAL C 219 -5.14 -4.27 -16.36
C VAL C 219 -6.00 -3.06 -16.78
N VAL C 220 -5.58 -1.82 -16.51
CA VAL C 220 -6.47 -0.69 -16.86
C VAL C 220 -6.41 -0.48 -18.37
N GLU C 221 -5.21 -0.62 -18.98
CA GLU C 221 -5.10 -0.42 -20.45
C GLU C 221 -5.96 -1.42 -21.19
N ASN C 222 -6.14 -2.64 -20.71
CA ASN C 222 -6.91 -3.62 -21.42
C ASN C 222 -8.36 -3.12 -21.55
N GLY C 223 -8.85 -2.45 -20.52
CA GLY C 223 -10.20 -1.92 -20.62
C GLY C 223 -10.23 -0.68 -21.46
N THR C 224 -9.28 0.25 -21.35
CA THR C 224 -9.40 1.54 -22.13
C THR C 224 -9.22 1.17 -23.62
N TYR C 225 -8.30 0.26 -23.96
CA TYR C 225 -8.17 -0.09 -25.38
C TYR C 225 -9.45 -0.72 -25.90
N LYS C 226 -10.00 -1.67 -25.22
CA LYS C 226 -11.27 -2.28 -25.65
C LYS C 226 -12.38 -1.21 -25.79
N MET C 227 -12.44 -0.25 -24.85
CA MET C 227 -13.40 0.89 -24.99
C MET C 227 -13.20 1.56 -26.34
N LEU C 228 -11.97 1.97 -26.66
CA LEU C 228 -11.72 2.74 -27.87
C LEU C 228 -11.88 1.89 -29.12
N GLU C 229 -11.23 0.72 -29.17
CA GLU C 229 -11.19 -0.04 -30.41
C GLU C 229 -12.41 -0.85 -30.72
N PHE C 230 -13.01 -1.49 -29.70
CA PHE C 230 -14.16 -2.39 -29.86
C PHE C 230 -15.49 -1.73 -29.62
N LEU C 231 -15.57 -0.90 -28.59
CA LEU C 231 -16.82 -0.33 -28.21
C LEU C 231 -17.07 1.04 -28.82
N LYS C 232 -16.06 1.61 -29.44
CA LYS C 232 -16.11 2.96 -30.01
C LYS C 232 -16.57 4.00 -29.01
N PHE C 233 -16.12 3.80 -27.77
CA PHE C 233 -16.39 4.76 -26.73
C PHE C 233 -15.25 5.76 -26.67
N ASP C 234 -15.54 7.05 -26.49
CA ASP C 234 -14.47 8.07 -26.52
C ASP C 234 -13.79 8.06 -25.16
N VAL C 235 -12.58 7.50 -25.14
CA VAL C 235 -11.82 7.34 -23.90
C VAL C 235 -11.31 8.64 -23.33
N LYS C 236 -11.42 9.76 -24.07
CA LYS C 236 -11.11 11.07 -23.43
C LYS C 236 -12.15 11.36 -22.32
N LYS C 237 -13.32 10.66 -22.34
CA LYS C 237 -14.32 10.82 -21.27
C LYS C 237 -13.92 10.12 -19.96
N VAL C 238 -12.85 9.30 -19.98
CA VAL C 238 -12.39 8.63 -18.74
C VAL C 238 -11.51 9.64 -18.03
N VAL C 239 -11.96 10.13 -16.89
CA VAL C 239 -11.29 11.17 -16.12
C VAL C 239 -10.27 10.60 -15.11
N HIS C 240 -10.60 9.43 -14.54
CA HIS C 240 -9.69 8.77 -13.59
C HIS C 240 -9.80 7.31 -13.85
N ALA C 241 -8.79 6.54 -13.50
CA ALA C 241 -8.96 5.11 -13.62
C ALA C 241 -8.02 4.42 -12.64
N ALA C 242 -8.40 3.21 -12.21
CA ALA C 242 -7.48 2.46 -11.33
C ALA C 242 -7.76 1.02 -11.59
N GLY C 243 -6.83 0.12 -11.13
CA GLY C 243 -7.11 -1.31 -11.32
C GLY C 243 -6.03 -2.08 -10.59
N ILE C 244 -6.27 -3.37 -10.53
CA ILE C 244 -5.33 -4.26 -9.84
C ILE C 244 -5.41 -5.64 -10.44
N ALA C 245 -4.25 -6.30 -10.66
CA ALA C 245 -4.30 -7.70 -11.12
C ALA C 245 -3.14 -8.43 -10.46
N PRO C 246 -3.31 -9.77 -10.31
CA PRO C 246 -2.21 -10.56 -9.65
C PRO C 246 -0.98 -10.74 -10.57
N ILE C 247 0.18 -10.82 -9.94
CA ILE C 247 1.41 -11.20 -10.64
C ILE C 247 1.34 -12.72 -10.94
N ALA C 248 1.34 -13.10 -12.23
CA ALA C 248 1.26 -14.54 -12.60
C ALA C 248 2.58 -15.20 -12.23
N PRO C 249 2.47 -16.48 -11.89
CA PRO C 249 3.68 -17.31 -11.71
C PRO C 249 4.48 -17.31 -13.00
N ILE C 250 5.78 -17.27 -12.84
CA ILE C 250 6.69 -17.25 -14.00
C ILE C 250 6.89 -18.59 -14.61
N ASP C 251 6.57 -18.77 -15.91
CA ASP C 251 6.77 -20.08 -16.56
C ASP C 251 7.84 -19.87 -17.63
N PRO C 252 8.93 -20.67 -17.68
CA PRO C 252 10.05 -20.43 -18.63
C PRO C 252 9.67 -20.70 -20.09
N ASP C 253 8.59 -21.48 -20.34
CA ASP C 253 8.08 -21.56 -21.69
C ASP C 253 7.34 -20.28 -22.11
N GLY C 254 7.79 -19.65 -23.22
CA GLY C 254 7.29 -18.33 -23.56
C GLY C 254 5.83 -18.39 -23.91
N LEU C 255 5.32 -19.50 -24.46
CA LEU C 255 3.88 -19.65 -24.78
C LEU C 255 3.07 -19.79 -23.53
N LYS C 256 3.57 -20.58 -22.58
CA LYS C 256 2.86 -20.76 -21.33
C LYS C 256 2.91 -19.49 -20.53
N ALA C 257 4.01 -18.72 -20.58
CA ALA C 257 4.10 -17.42 -19.91
C ALA C 257 3.08 -16.45 -20.52
N MET C 258 2.95 -16.42 -21.82
CA MET C 258 1.94 -15.57 -22.51
CA MET C 258 1.98 -15.49 -22.40
C MET C 258 0.57 -15.90 -21.97
N GLY C 259 0.32 -17.15 -21.80
CA GLY C 259 -0.97 -17.56 -21.33
C GLY C 259 -1.27 -17.14 -19.90
N LYS C 260 -0.32 -17.46 -19.03
CA LYS C 260 -0.55 -17.24 -17.58
C LYS C 260 -0.61 -15.75 -17.30
N THR C 261 0.27 -14.93 -17.93
CA THR C 261 0.25 -13.48 -17.68
C THR C 261 -1.05 -12.87 -18.27
N ASN C 262 -1.51 -13.29 -19.45
CA ASN C 262 -2.83 -12.84 -19.91
C ASN C 262 -3.92 -13.16 -18.91
N ASP C 263 -3.94 -14.41 -18.43
CA ASP C 263 -4.96 -14.90 -17.52
C ASP C 263 -5.02 -14.08 -16.22
N ALA C 264 -3.86 -13.60 -15.79
CA ALA C 264 -3.85 -12.74 -14.57
C ALA C 264 -4.83 -11.59 -14.73
N VAL C 265 -4.82 -10.98 -15.89
CA VAL C 265 -5.76 -9.85 -16.14
C VAL C 265 -7.17 -10.32 -16.46
N LEU C 266 -7.27 -11.32 -17.35
CA LEU C 266 -8.61 -11.61 -17.84
CA LEU C 266 -8.56 -11.82 -17.91
C LEU C 266 -9.42 -12.46 -16.86
N PHE C 267 -8.80 -13.21 -15.90
CA PHE C 267 -9.59 -13.80 -14.85
C PHE C 267 -9.37 -13.08 -13.48
N GLY C 268 -8.24 -12.39 -13.28
CA GLY C 268 -7.95 -11.86 -11.98
C GLY C 268 -8.03 -10.35 -11.81
N GLY C 269 -8.30 -9.63 -12.92
CA GLY C 269 -8.19 -8.18 -12.87
C GLY C 269 -9.45 -7.43 -12.50
N ARG C 270 -9.30 -6.41 -11.61
CA ARG C 270 -10.41 -5.49 -11.34
C ARG C 270 -10.04 -4.13 -11.87
N THR C 271 -11.09 -3.45 -12.42
CA THR C 271 -10.87 -2.08 -12.87
C THR C 271 -11.95 -1.13 -12.39
N TYR C 272 -11.59 0.14 -12.34
CA TYR C 272 -12.49 1.19 -11.87
C TYR C 272 -12.31 2.38 -12.78
N TYR C 273 -13.37 2.76 -13.50
CA TYR C 273 -13.27 3.90 -14.47
C TYR C 273 -14.24 4.95 -13.99
N TYR C 274 -13.75 6.20 -13.90
CA TYR C 274 -14.59 7.32 -13.55
C TYR C 274 -14.78 8.11 -14.85
N VAL C 275 -15.99 8.17 -15.36
CA VAL C 275 -16.22 8.73 -16.67
C VAL C 275 -17.17 9.90 -16.59
N LYS C 276 -17.08 10.75 -17.59
CA LYS C 276 -18.09 11.82 -17.79
C LYS C 276 -18.85 11.60 -19.08
N SER C 277 -20.02 10.96 -18.94
CA SER C 277 -20.81 10.66 -20.11
C SER C 277 -21.45 11.99 -20.62
N GLU C 278 -21.90 11.96 -21.87
CA GLU C 278 -22.68 13.03 -22.54
C GLU C 278 -23.95 12.43 -23.06
N GLU C 279 -24.88 13.34 -23.44
CA GLU C 279 -26.20 12.95 -23.97
C GLU C 279 -25.95 11.94 -25.13
N GLY C 280 -26.67 10.82 -25.09
CA GLY C 280 -26.60 9.88 -26.18
C GLY C 280 -25.73 8.69 -25.79
N ASP C 281 -24.86 8.88 -24.78
CA ASP C 281 -24.06 7.75 -24.37
C ASP C 281 -24.84 6.65 -23.61
N ASP C 282 -24.42 5.38 -23.78
CA ASP C 282 -25.05 4.32 -22.99
C ASP C 282 -23.99 3.64 -22.12
N ILE C 283 -23.77 4.16 -20.91
CA ILE C 283 -22.67 3.67 -20.09
C ILE C 283 -23.02 2.29 -19.53
N ALA C 284 -24.28 1.98 -19.32
CA ALA C 284 -24.62 0.66 -18.88
C ALA C 284 -24.17 -0.38 -19.90
N ALA C 285 -24.36 -0.07 -21.18
CA ALA C 285 -23.91 -0.98 -22.26
C ALA C 285 -22.38 -1.09 -22.35
N VAL C 286 -21.67 0.03 -22.23
CA VAL C 286 -20.20 0.02 -22.14
C VAL C 286 -19.75 -0.91 -21.02
N ALA C 287 -20.31 -0.77 -19.83
CA ALA C 287 -19.91 -1.58 -18.73
C ALA C 287 -20.18 -3.05 -18.98
N ALA C 288 -21.35 -3.35 -19.53
CA ALA C 288 -21.74 -4.74 -19.76
C ALA C 288 -20.88 -5.44 -20.83
N GLN C 289 -20.46 -4.65 -21.80
CA GLN C 289 -19.72 -5.20 -22.92
CA GLN C 289 -19.70 -5.21 -22.91
C GLN C 289 -18.22 -5.27 -22.68
N LEU C 290 -17.74 -4.64 -21.58
CA LEU C 290 -16.29 -4.54 -21.43
C LEU C 290 -15.52 -5.77 -20.89
N PRO C 291 -16.10 -6.48 -19.91
CA PRO C 291 -15.30 -7.60 -19.30
C PRO C 291 -14.90 -8.68 -20.23
N SER C 292 -13.85 -9.42 -19.85
CA SER C 292 -13.40 -10.53 -20.64
C SER C 292 -14.53 -11.59 -20.91
N SER C 293 -15.41 -11.82 -19.91
CA SER C 293 -16.43 -12.81 -20.07
C SER C 293 -17.48 -12.46 -21.15
N ALA C 294 -17.56 -11.22 -21.64
CA ALA C 294 -18.46 -10.89 -22.77
C ALA C 294 -17.91 -11.40 -24.09
N ALA C 295 -16.65 -11.89 -24.13
CA ALA C 295 -16.03 -12.30 -25.44
C ALA C 295 -16.38 -13.74 -25.80
N ASP C 296 -16.24 -14.03 -27.10
CA ASP C 296 -16.34 -15.43 -27.62
C ASP C 296 -15.05 -16.19 -27.20
N GLY C 297 -15.22 -17.44 -26.79
CA GLY C 297 -14.10 -18.32 -26.42
C GLY C 297 -13.64 -18.14 -24.99
N TYR C 298 -14.29 -17.22 -24.27
CA TYR C 298 -14.07 -17.07 -22.82
C TYR C 298 -14.37 -18.34 -22.07
N GLY C 299 -13.49 -18.67 -21.14
CA GLY C 299 -13.85 -19.68 -20.16
C GLY C 299 -12.77 -20.70 -19.89
N LYS C 300 -11.70 -20.62 -20.67
CA LYS C 300 -10.55 -21.55 -20.57
C LYS C 300 -9.32 -20.67 -20.37
N PRO C 301 -8.30 -21.19 -19.64
CA PRO C 301 -7.01 -20.50 -19.68
C PRO C 301 -6.57 -20.11 -21.09
N PHE C 302 -6.00 -18.94 -21.26
CA PHE C 302 -5.59 -18.49 -22.58
C PHE C 302 -4.68 -19.41 -23.39
N PHE C 303 -3.71 -20.02 -22.74
CA PHE C 303 -2.86 -20.98 -23.44
C PHE C 303 -3.73 -22.00 -24.17
N ASP C 304 -4.76 -22.53 -23.47
CA ASP C 304 -5.64 -23.50 -24.09
C ASP C 304 -6.51 -22.91 -25.16
N VAL C 305 -7.05 -21.71 -24.91
CA VAL C 305 -7.75 -21.04 -25.99
C VAL C 305 -6.86 -20.95 -27.23
N PHE C 306 -5.62 -20.56 -27.07
CA PHE C 306 -4.73 -20.25 -28.16
C PHE C 306 -4.34 -21.48 -28.91
N LYS C 307 -4.17 -22.59 -28.15
CA LYS C 307 -3.79 -23.91 -28.69
C LYS C 307 -4.97 -24.34 -29.52
N ASP C 308 -6.16 -24.39 -28.96
CA ASP C 308 -7.33 -24.68 -29.81
C ASP C 308 -7.39 -23.84 -31.07
N ALA C 309 -7.03 -22.57 -31.02
CA ALA C 309 -7.07 -21.71 -32.17
C ALA C 309 -5.94 -21.98 -33.17
N GLY C 310 -5.18 -23.06 -32.94
CA GLY C 310 -4.05 -23.44 -33.82
C GLY C 310 -2.93 -22.45 -33.68
N PHE C 311 -2.84 -21.81 -32.52
CA PHE C 311 -1.78 -20.87 -32.20
C PHE C 311 -1.81 -19.68 -33.19
N ASP C 312 -3.04 -19.35 -33.57
CA ASP C 312 -3.24 -18.27 -34.52
C ASP C 312 -4.19 -17.19 -34.04
N PHE C 313 -3.63 -15.99 -33.86
CA PHE C 313 -4.42 -14.85 -33.40
C PHE C 313 -5.68 -14.57 -34.23
N TYR C 314 -5.80 -15.15 -35.43
CA TYR C 314 -7.02 -14.97 -36.28
C TYR C 314 -8.28 -15.66 -35.72
N GLN C 315 -8.10 -16.74 -35.00
CA GLN C 315 -9.24 -17.51 -34.49
C GLN C 315 -9.62 -17.00 -33.08
N ILE C 316 -8.97 -15.91 -32.63
CA ILE C 316 -9.19 -15.44 -31.22
C ILE C 316 -9.99 -14.16 -31.17
N ASP C 317 -10.93 -14.11 -30.24
CA ASP C 317 -11.72 -12.87 -30.10
C ASP C 317 -10.83 -11.92 -29.26
N LYS C 318 -10.30 -10.86 -29.86
CA LYS C 318 -9.37 -10.02 -29.11
C LYS C 318 -10.14 -9.24 -28.02
N GLY C 319 -11.46 -9.26 -28.06
CA GLY C 319 -12.23 -8.65 -27.01
C GLY C 319 -12.08 -9.46 -25.72
N MET C 320 -11.53 -10.67 -25.81
CA MET C 320 -11.22 -11.40 -24.59
C MET C 320 -10.09 -10.80 -23.74
N PHE C 321 -9.33 -9.86 -24.31
CA PHE C 321 -8.20 -9.19 -23.66
C PHE C 321 -8.77 -8.00 -22.92
N ALA C 322 -9.31 -8.28 -21.75
CA ALA C 322 -10.12 -7.25 -21.03
C ALA C 322 -9.98 -7.63 -19.61
N PRO C 323 -10.26 -6.72 -18.69
CA PRO C 323 -10.32 -7.10 -17.29
C PRO C 323 -11.44 -8.09 -16.95
N ALA C 324 -11.25 -8.88 -15.89
CA ALA C 324 -12.27 -9.80 -15.41
C ALA C 324 -13.51 -8.99 -14.92
N GLU C 325 -13.25 -7.98 -14.10
CA GLU C 325 -14.34 -7.22 -13.49
C GLU C 325 -14.18 -5.76 -13.89
N VAL C 326 -15.28 -5.10 -14.19
CA VAL C 326 -15.30 -3.70 -14.56
C VAL C 326 -16.30 -2.94 -13.72
N VAL C 327 -15.86 -1.88 -13.13
CA VAL C 327 -16.69 -0.97 -12.30
C VAL C 327 -16.56 0.39 -12.99
N ILE C 328 -17.73 1.00 -13.25
CA ILE C 328 -17.77 2.35 -13.87
C ILE C 328 -18.61 3.27 -13.02
N ASN C 329 -18.07 4.42 -12.67
CA ASN C 329 -18.84 5.49 -12.01
C ASN C 329 -19.00 6.59 -13.07
N ASP C 330 -20.25 6.89 -13.41
CA ASP C 330 -20.55 8.00 -14.32
C ASP C 330 -20.76 9.28 -13.54
N LEU C 331 -19.77 10.17 -13.54
CA LEU C 331 -19.82 11.41 -12.79
C LEU C 331 -20.94 12.33 -13.32
N THR C 332 -21.42 12.06 -14.53
CA THR C 332 -22.50 12.97 -15.08
C THR C 332 -23.82 12.66 -14.41
N THR C 333 -24.05 11.37 -14.03
CA THR C 333 -25.32 10.91 -13.45
C THR C 333 -25.24 10.44 -12.04
N GLY C 334 -24.07 10.09 -11.56
CA GLY C 334 -23.87 9.50 -10.22
C GLY C 334 -24.04 7.97 -10.30
N LYS C 335 -24.34 7.37 -11.43
CA LYS C 335 -24.57 5.96 -11.49
C LYS C 335 -23.23 5.17 -11.29
N LEU C 336 -23.41 4.03 -10.66
CA LEU C 336 -22.33 3.06 -10.55
C LEU C 336 -22.75 1.80 -11.27
N TYR C 337 -21.87 1.24 -12.10
CA TYR C 337 -22.13 -0.03 -12.76
C TYR C 337 -21.05 -1.04 -12.42
N LYS C 338 -21.42 -2.29 -12.26
CA LYS C 338 -20.45 -3.38 -11.96
C LYS C 338 -20.78 -4.55 -12.83
N GLU C 339 -19.81 -4.98 -13.66
CA GLU C 339 -20.03 -6.06 -14.59
C GLU C 339 -18.83 -6.97 -14.57
N GLY C 340 -19.04 -8.23 -14.99
CA GLY C 340 -18.02 -9.24 -14.89
C GLY C 340 -17.79 -9.63 -13.46
N PHE C 341 -16.68 -10.31 -13.22
CA PHE C 341 -16.25 -10.73 -11.89
C PHE C 341 -14.92 -11.44 -11.96
N VAL C 342 -14.17 -11.35 -10.85
CA VAL C 342 -12.92 -12.11 -10.80
C VAL C 342 -13.27 -13.59 -10.70
N ASN C 343 -12.58 -14.42 -11.48
CA ASN C 343 -12.81 -15.85 -11.49
C ASN C 343 -11.63 -16.62 -10.89
N ALA C 344 -11.67 -16.82 -9.58
CA ALA C 344 -10.52 -17.43 -8.83
C ALA C 344 -10.35 -18.88 -9.27
N GLU C 345 -11.44 -19.57 -9.59
CA GLU C 345 -11.28 -20.99 -9.99
C GLU C 345 -10.51 -21.08 -11.34
N LEU C 346 -10.81 -20.20 -12.27
CA LEU C 346 -10.08 -20.26 -13.53
C LEU C 346 -8.66 -19.72 -13.41
N LEU C 347 -8.41 -18.77 -12.54
CA LEU C 347 -7.05 -18.36 -12.26
C LEU C 347 -6.26 -19.57 -11.76
N LYS C 348 -6.85 -20.29 -10.82
CA LYS C 348 -6.17 -21.48 -10.25
C LYS C 348 -5.94 -22.55 -11.32
N LYS C 349 -6.93 -22.76 -12.17
CA LYS C 349 -6.76 -23.65 -13.29
C LYS C 349 -5.60 -23.22 -14.15
N SER C 350 -5.56 -21.93 -14.49
CA SER C 350 -4.54 -21.45 -15.37
C SER C 350 -3.15 -21.67 -14.74
N PHE C 351 -3.02 -21.51 -13.42
CA PHE C 351 -1.74 -21.53 -12.77
C PHE C 351 -1.39 -22.94 -12.28
N GLY C 352 -2.30 -23.90 -12.44
CA GLY C 352 -2.04 -25.32 -12.14
C GLY C 352 -2.21 -25.65 -10.67
N ILE C 353 -3.09 -24.96 -9.92
CA ILE C 353 -3.33 -25.30 -8.50
C ILE C 353 -4.80 -25.53 -8.19
#